data_7FEI
#
_entry.id   7FEI
#
_cell.length_a   1.00
_cell.length_b   1.00
_cell.length_c   1.00
_cell.angle_alpha   90.00
_cell.angle_beta   90.00
_cell.angle_gamma   90.00
#
_symmetry.space_group_name_H-M   'P 1'
#
loop_
_entity.id
_entity.type
_entity.pdbx_description
1 polymer 'Capsid protein VP0'
2 polymer 'Capsid protein VP0'
3 polymer 'Capsid protein VP0'
4 polymer 'Capsid protein VP0'
5 polymer 'IG HEAVY CHAIN VARIABLE REGION'
6 polymer 'IG LAMDA CHAIN VARIABLE REGION'
#
loop_
_entity_poly.entity_id
_entity_poly.type
_entity_poly.pdbx_seq_one_letter_code
_entity_poly.pdbx_strand_id
1 'polypeptide(L)'
;TTATGESADPVTTTVENYGGETQVQRRHHTDVSFIMDRFVQIKPVSPTHVIDLMQTHQHGLVGAMLRAATYYFSDLEIVV
NHTGRLTWVPNGAPEAALDNTSNPTAYHKAPFTRLALPYTAPHRVLATVYNGNSKYSAPATRRGDLGSLAARLAAQLPAS
FNYGAIRATEIQELLVRMKRAELYCPRPLLAVKVTSQDRHKQKIIAPAKQLL
;
1
2 'polypeptide(L)'
;DKKTEETTLLEDRILTTRNGHTTSTTQSSVGVTYGYSTGEDHVSGPNTSGLETRVVQAERFFKKHLFDWTTDKPFGHIEK
LELPTDHKGVYGQLVDSFAYMRNGWDVEVSAVGNQFNGGCLLVAMVPEFKEFTTREKYQLTLFPHQFISPRTNMTAHITV
PYLGVNRYDQYNKHKPWTLVVMVVSPLTTSSIGASQIKVYTNIAPTHVHVAGELPSKE
;
2
3 'polypeptide(L)'
;GIVPVACSDGYGGLVTTDPKTADPAYGMVYNPPRTNYPGRFTNLLDVAEACPTFLCFDDGKPYVVTRADEQRLLAKFDLS
LAAKHMSNTYLSGIAQYYAQYSGTINLHFMFTGSTDSKARYMVAYVPPGVTTPPDTPERAAHCIHAEWDTGLNSKFTFSI
PYVSAADYAYTASDVADTTNVQGWVCIYQITHGKAEQDTLVVSVSAGKDFELRLPIDPRAQ
;
3
4 'polypeptide(L)'
;GAGQSSPATGSQNQSGNTGSIINNYYMQQYQNSMDTQLGDNAISGGSNEGSTDTTSSHTTNTQNNDWFSKLASSAFTGLF
GALLA
;
4
5 'polypeptide(L)'
;QVQLRESGPSLVKPSQTLSLTCTVSGFSLSDYAVGWVRQAPGKALEFLGSISTGGNTGYNPALKSRLSITKDNSKNQVSL
SLSSVTTEDTATYYCTKSIHSYSVFEYTYMQYVDAWGQGLLVPVSS
;
H
6 'polypeptide(L)'
;WAQAVLTQPSSVSGSLGQRVSITCSGSSNNIGRYDVGWYQQIPGSGLRTIIYASKNRPSGVPDRFSGSRSGNTATLTISS
LQAEDEADYFCATGDYSSSTSVFGSGTTLTVLGDYKDDDDKGG
;
L
#
# COMPACT_ATOMS: atom_id res chain seq x y z
N THR A 1 -38.31 5.43 3.24
CA THR A 1 -38.43 5.19 1.81
C THR A 1 -38.29 3.71 1.49
N THR A 2 -37.67 2.96 2.41
CA THR A 2 -37.52 1.51 2.29
C THR A 2 -36.83 1.05 1.00
N ALA A 3 -35.63 1.57 0.77
CA ALA A 3 -34.82 1.09 -0.34
C ALA A 3 -34.32 -0.33 -0.12
N THR A 4 -33.70 -0.90 -1.16
CA THR A 4 -33.20 -2.26 -1.06
C THR A 4 -32.06 -2.36 -0.06
N GLY A 5 -31.22 -1.33 0.01
CA GLY A 5 -30.24 -1.20 1.07
C GLY A 5 -29.06 -2.14 1.01
N GLU A 6 -29.32 -3.45 1.04
CA GLU A 6 -28.22 -4.41 1.09
C GLU A 6 -27.44 -4.42 -0.23
N SER A 7 -27.95 -3.72 -1.24
CA SER A 7 -27.16 -3.50 -2.45
C SER A 7 -26.19 -2.35 -2.27
N ALA A 8 -26.29 -1.65 -1.15
CA ALA A 8 -25.47 -0.47 -0.87
C ALA A 8 -25.60 0.57 -1.98
N ASP A 9 -26.81 0.73 -2.47
CA ASP A 9 -26.95 1.88 -3.36
C ASP A 9 -27.09 3.17 -2.55
N PRO A 10 -26.45 4.23 -2.98
CA PRO A 10 -26.44 5.45 -2.17
C PRO A 10 -27.79 6.15 -2.16
N VAL A 11 -28.70 5.66 -1.34
CA VAL A 11 -30.06 6.19 -1.26
C VAL A 11 -30.09 7.24 -0.15
N THR A 12 -30.77 8.34 -0.41
CA THR A 12 -30.96 9.41 0.56
C THR A 12 -32.35 9.99 0.41
N THR A 13 -32.90 10.48 1.53
CA THR A 13 -34.26 11.05 1.56
C THR A 13 -34.24 12.33 2.40
N THR A 14 -34.83 13.41 1.86
CA THR A 14 -34.91 14.73 2.55
C THR A 14 -36.07 14.73 3.54
N VAL A 15 -36.45 15.82 4.10
CA VAL A 15 -37.76 16.30 4.66
C VAL A 15 -39.05 16.18 3.83
N GLU A 16 -38.92 16.15 2.50
CA GLU A 16 -40.09 16.02 1.59
C GLU A 16 -40.78 14.68 1.85
N ASN A 17 -40.15 13.83 2.67
CA ASN A 17 -40.72 12.50 3.01
C ASN A 17 -42.04 12.74 3.77
N TYR A 18 -42.06 13.72 4.67
CA TYR A 18 -43.30 14.02 5.45
C TYR A 18 -43.53 15.53 5.38
N GLY A 19 -44.07 15.99 4.24
CA GLY A 19 -44.43 17.41 4.04
C GLY A 19 -43.40 18.43 4.51
N GLY A 20 -42.12 18.23 4.19
CA GLY A 20 -41.08 19.19 4.60
C GLY A 20 -40.39 19.81 3.40
N GLU A 21 -40.46 21.14 3.25
CA GLU A 21 -39.82 21.77 2.11
C GLU A 21 -38.36 22.01 2.42
N THR A 22 -37.47 21.42 1.63
CA THR A 22 -36.05 21.46 1.92
C THR A 22 -35.47 22.83 1.58
N GLN A 23 -34.51 23.27 2.39
CA GLN A 23 -33.87 24.57 2.23
C GLN A 23 -32.58 24.40 1.43
N VAL A 24 -32.08 25.51 0.88
CA VAL A 24 -30.82 25.51 0.13
C VAL A 24 -29.53 25.22 0.89
N GLN A 25 -28.55 24.68 0.18
CA GLN A 25 -27.26 24.34 0.75
C GLN A 25 -26.15 25.11 0.06
N ARG A 26 -25.20 25.61 0.85
CA ARG A 26 -24.04 26.35 0.34
C ARG A 26 -23.06 25.38 0.97
N ARG A 27 -22.15 24.86 0.15
CA ARG A 27 -21.17 23.87 0.59
C ARG A 27 -19.88 24.36 -0.05
N HIS A 28 -19.43 25.52 0.40
CA HIS A 28 -18.12 26.05 0.05
C HIS A 28 -17.04 25.83 1.10
N HIS A 29 -17.38 26.00 2.38
CA HIS A 29 -16.41 25.81 3.44
C HIS A 29 -15.95 24.37 3.55
N THR A 30 -16.69 23.42 2.98
CA THR A 30 -16.26 22.04 2.93
C THR A 30 -15.64 21.58 1.61
N ASP A 31 -15.40 22.49 0.68
CA ASP A 31 -14.70 22.14 -0.55
C ASP A 31 -13.31 21.65 -0.21
N VAL A 32 -12.84 20.66 -0.98
CA VAL A 32 -11.57 20.04 -0.62
C VAL A 32 -10.40 20.94 -0.99
N SER A 33 -10.61 21.95 -1.83
CA SER A 33 -9.54 22.89 -2.11
C SER A 33 -9.49 23.98 -1.05
N PHE A 34 -10.65 24.50 -0.65
CA PHE A 34 -10.69 25.53 0.37
C PHE A 34 -10.34 24.98 1.75
N ILE A 35 -10.54 23.68 1.98
CA ILE A 35 -10.17 23.11 3.27
C ILE A 35 -8.70 22.74 3.31
N MET A 36 -8.01 22.73 2.18
CA MET A 36 -6.59 22.42 2.13
C MET A 36 -5.73 23.63 1.84
N ASP A 37 -6.33 24.75 1.41
CA ASP A 37 -5.54 25.94 1.10
C ASP A 37 -4.88 26.51 2.34
N ARG A 38 -5.46 26.33 3.52
CA ARG A 38 -4.87 26.83 4.76
C ARG A 38 -3.62 26.16 5.30
N PHE A 39 -2.79 26.96 5.96
CA PHE A 39 -1.50 26.49 6.42
C PHE A 39 -1.64 25.42 7.50
N VAL A 40 -0.51 24.84 7.87
CA VAL A 40 -0.48 23.84 8.92
C VAL A 40 0.97 23.77 9.41
N GLN A 41 1.15 23.26 10.62
CA GLN A 41 2.47 23.21 11.24
C GLN A 41 3.01 21.79 11.19
N ILE A 42 4.28 21.65 10.83
CA ILE A 42 4.98 20.38 10.79
C ILE A 42 5.93 20.31 11.97
N LYS A 43 5.81 19.25 12.77
CA LYS A 43 6.66 19.03 13.92
C LYS A 43 7.02 17.56 13.98
N PRO A 44 8.26 17.22 14.36
CA PRO A 44 9.32 18.18 14.70
C PRO A 44 10.12 18.57 13.47
N VAL A 45 11.14 19.42 13.66
CA VAL A 45 11.97 19.90 12.57
C VAL A 45 13.42 19.86 13.00
N SER A 46 14.31 19.76 12.02
CA SER A 46 15.75 19.69 12.25
C SER A 46 16.45 19.99 10.94
N PRO A 47 17.71 20.41 10.98
CA PRO A 47 18.46 20.60 9.73
C PRO A 47 18.43 19.34 8.88
N THR A 48 18.45 19.52 7.56
CA THR A 48 18.29 18.43 6.60
C THR A 48 16.95 17.68 6.67
N HIS A 49 15.88 18.45 6.81
CA HIS A 49 14.54 17.92 6.96
C HIS A 49 13.83 17.65 5.64
N VAL A 50 13.40 16.40 5.43
CA VAL A 50 12.59 16.08 4.27
C VAL A 50 11.24 16.76 4.42
N ILE A 51 10.81 17.46 3.37
CA ILE A 51 9.60 18.28 3.44
C ILE A 51 8.98 17.12 2.68
N ASP A 52 8.29 16.25 3.44
CA ASP A 52 7.62 15.02 2.94
C ASP A 52 6.31 15.30 3.68
N LEU A 53 5.19 15.05 2.99
CA LEU A 53 3.82 15.22 3.55
C LEU A 53 3.45 14.08 4.50
N MET A 54 2.37 14.26 5.27
CA MET A 54 1.88 13.32 6.32
C MET A 54 2.94 13.16 7.42
N GLN A 55 3.63 14.27 7.73
CA GLN A 55 4.63 14.36 8.83
C GLN A 55 4.01 15.31 9.86
N THR A 56 2.84 15.85 9.49
CA THR A 56 2.04 16.75 10.31
C THR A 56 1.37 15.96 11.44
N HIS A 57 0.95 16.70 12.46
CA HIS A 57 0.22 16.06 13.55
C HIS A 57 -1.06 15.41 13.02
N GLN A 58 -1.41 14.27 13.60
CA GLN A 58 -2.52 13.48 13.07
C GLN A 58 -3.85 14.21 13.25
N HIS A 59 -4.08 14.75 14.43
CA HIS A 59 -5.38 15.33 14.76
C HIS A 59 -5.58 16.73 14.21
N GLY A 60 -4.55 17.35 13.65
CA GLY A 60 -4.73 18.64 13.03
C GLY A 60 -5.66 18.57 11.83
N LEU A 61 -6.12 19.75 11.39
CA LEU A 61 -7.09 19.79 10.30
C LEU A 61 -6.51 19.23 9.01
N VAL A 62 -5.46 19.86 8.50
CA VAL A 62 -4.88 19.41 7.25
C VAL A 62 -4.38 17.98 7.39
N GLY A 63 -3.77 17.66 8.53
CA GLY A 63 -3.29 16.32 8.78
C GLY A 63 -4.37 15.26 8.63
N ALA A 64 -5.43 15.36 9.43
CA ALA A 64 -6.48 14.36 9.36
C ALA A 64 -7.17 14.37 8.01
N MET A 65 -7.49 15.56 7.49
CA MET A 65 -8.19 15.64 6.22
C MET A 65 -7.39 15.07 5.07
N LEU A 66 -6.06 15.07 5.18
CA LEU A 66 -5.22 14.42 4.18
C LEU A 66 -5.12 12.92 4.43
N ARG A 67 -5.09 12.51 5.70
CA ARG A 67 -5.14 11.09 6.01
C ARG A 67 -6.55 10.56 5.80
N ALA A 68 -7.48 11.45 5.45
CA ALA A 68 -8.81 11.03 5.04
C ALA A 68 -8.87 10.53 3.61
N ALA A 69 -7.80 10.74 2.83
CA ALA A 69 -7.75 10.32 1.45
C ALA A 69 -6.46 9.54 1.22
N THR A 70 -6.58 8.40 0.54
CA THR A 70 -5.39 7.61 0.26
C THR A 70 -4.43 8.38 -0.64
N TYR A 71 -4.94 8.97 -1.71
CA TYR A 71 -4.12 9.61 -2.73
C TYR A 71 -4.40 11.09 -2.77
N TYR A 72 -3.35 11.90 -2.76
CA TYR A 72 -3.47 13.34 -2.85
C TYR A 72 -2.50 13.87 -3.88
N PHE A 73 -2.72 15.11 -4.29
CA PHE A 73 -1.83 15.81 -5.20
C PHE A 73 -1.94 17.29 -4.91
N SER A 74 -0.80 17.97 -4.75
CA SER A 74 -0.86 19.36 -4.35
C SER A 74 0.47 20.03 -4.55
N ASP A 75 0.43 21.33 -4.81
CA ASP A 75 1.62 22.18 -4.82
C ASP A 75 1.78 22.80 -3.45
N LEU A 76 3.01 22.82 -2.95
CA LEU A 76 3.29 23.28 -1.60
C LEU A 76 3.63 24.77 -1.60
N GLU A 77 3.18 25.46 -0.55
CA GLU A 77 3.61 26.82 -0.25
C GLU A 77 4.32 26.47 1.05
N ILE A 78 5.60 26.66 1.10
CA ILE A 78 6.39 26.28 2.26
C ILE A 78 6.61 27.65 2.90
N VAL A 79 6.70 27.65 4.23
CA VAL A 79 7.00 28.86 5.00
C VAL A 79 7.94 28.43 6.12
N VAL A 80 9.18 28.91 6.07
CA VAL A 80 10.21 28.49 7.02
C VAL A 80 10.67 29.71 7.80
N ASN A 81 11.04 29.50 9.06
CA ASN A 81 11.66 30.52 9.88
C ASN A 81 12.92 29.69 9.61
N HIS A 82 14.08 30.28 9.84
CA HIS A 82 15.35 29.67 9.54
C HIS A 82 16.24 30.69 10.24
N THR A 83 17.55 30.43 10.23
CA THR A 83 18.52 31.38 10.76
C THR A 83 19.68 31.67 9.83
N GLY A 84 19.94 30.83 8.84
CA GLY A 84 20.97 31.09 7.85
C GLY A 84 20.38 31.03 6.45
N ARG A 85 21.16 30.49 5.52
CA ARG A 85 20.68 30.27 4.18
C ARG A 85 19.88 28.98 4.12
N LEU A 86 18.75 29.00 3.42
CA LEU A 86 17.86 27.85 3.31
C LEU A 86 17.88 27.37 1.87
N THR A 87 18.30 26.12 1.67
CA THR A 87 18.37 25.52 0.34
C THR A 87 17.32 24.44 0.21
N TRP A 88 16.73 24.32 -0.99
CA TRP A 88 15.63 23.34 -1.21
C TRP A 88 15.84 22.57 -2.51
N VAL A 89 15.57 21.26 -2.51
CA VAL A 89 15.74 20.43 -3.73
C VAL A 89 14.54 19.48 -3.90
N PRO A 90 14.27 18.98 -5.12
CA PRO A 90 13.18 18.05 -5.42
C PRO A 90 13.43 16.62 -4.89
N ASN A 91 12.42 15.75 -4.97
CA ASN A 91 12.49 14.39 -4.39
C ASN A 91 13.67 13.61 -4.95
N GLY A 92 13.92 13.65 -6.25
CA GLY A 92 15.07 12.91 -6.81
C GLY A 92 16.36 13.70 -6.72
N ALA A 93 16.85 13.97 -5.51
CA ALA A 93 18.10 14.76 -5.35
C ALA A 93 19.09 14.10 -4.39
N PRO A 94 20.37 13.89 -4.78
CA PRO A 94 21.38 13.36 -3.88
C PRO A 94 21.60 14.36 -2.73
N GLU A 95 21.76 13.84 -1.51
CA GLU A 95 21.94 14.65 -0.28
C GLU A 95 22.95 15.79 -0.48
N ALA A 96 23.99 15.55 -1.28
CA ALA A 96 25.07 16.54 -1.54
C ALA A 96 24.60 17.76 -2.35
N ALA A 97 23.50 17.64 -3.09
CA ALA A 97 22.99 18.71 -3.99
C ALA A 97 22.62 20.00 -3.25
N LEU A 98 22.20 19.92 -1.99
CA LEU A 98 21.73 21.10 -1.22
C LEU A 98 22.83 22.16 -1.09
N ASP A 99 24.08 21.74 -0.86
CA ASP A 99 25.23 22.65 -0.61
C ASP A 99 25.44 23.73 -1.69
N ASN A 100 25.69 23.34 -2.95
CA ASN A 100 26.05 24.26 -4.06
C ASN A 100 25.20 25.55 -4.08
N THR A 101 23.89 25.42 -3.86
CA THR A 101 22.89 26.52 -3.70
C THR A 101 22.31 27.13 -5.00
N SER A 102 22.82 26.86 -6.20
CA SER A 102 22.06 27.44 -7.35
C SER A 102 20.70 26.74 -7.47
N ASN A 103 20.66 25.42 -7.20
CA ASN A 103 19.34 24.74 -7.03
C ASN A 103 18.74 25.58 -5.91
N PRO A 104 17.38 26.21 -6.03
CA PRO A 104 16.69 27.34 -5.41
C PRO A 104 17.04 27.46 -3.92
N THR A 105 17.39 28.68 -3.50
CA THR A 105 17.79 28.97 -2.10
C THR A 105 17.32 30.38 -1.75
N ALA A 106 16.80 30.56 -0.53
CA ALA A 106 16.30 31.85 -0.09
C ALA A 106 17.18 32.37 1.03
N TYR A 107 17.77 33.55 0.83
CA TYR A 107 18.59 34.14 1.87
C TYR A 107 17.72 34.62 3.02
N HIS A 108 18.37 34.91 4.14
CA HIS A 108 17.66 35.19 5.37
C HIS A 108 17.06 36.59 5.33
N LYS A 109 15.78 36.66 5.00
CA LYS A 109 15.02 37.88 5.21
C LYS A 109 14.87 38.12 6.71
N ALA A 110 14.60 39.37 7.08
CA ALA A 110 14.48 39.70 8.49
C ALA A 110 13.38 38.90 9.19
N PRO A 111 12.15 38.83 8.69
CA PRO A 111 11.21 37.84 9.22
C PRO A 111 11.39 36.49 8.54
N PHE A 112 10.50 35.55 8.82
CA PHE A 112 10.51 34.27 8.14
C PHE A 112 10.42 34.45 6.63
N THR A 113 10.82 33.42 5.89
CA THR A 113 10.71 33.43 4.45
C THR A 113 9.39 32.81 4.01
N ARG A 114 9.16 32.82 2.70
CA ARG A 114 8.02 32.15 2.09
C ARG A 114 8.39 31.76 0.68
N LEU A 115 7.98 30.56 0.27
CA LEU A 115 8.43 30.00 -1.00
C LEU A 115 7.32 29.14 -1.58
N ALA A 116 7.35 28.95 -2.89
CA ALA A 116 6.37 28.14 -3.61
C ALA A 116 7.32 27.05 -4.06
N LEU A 117 6.98 25.81 -3.74
CA LEU A 117 7.93 24.83 -4.26
C LEU A 117 6.87 23.92 -4.89
N PRO A 118 7.04 23.57 -6.15
CA PRO A 118 6.01 22.82 -6.88
C PRO A 118 6.07 21.34 -6.54
N TYR A 119 5.15 20.58 -7.16
CA TYR A 119 5.03 19.15 -6.95
C TYR A 119 6.05 18.45 -7.84
N THR A 120 7.06 17.85 -7.23
CA THR A 120 8.19 17.31 -7.97
C THR A 120 8.26 15.79 -7.97
N ALA A 121 7.53 15.11 -7.11
CA ALA A 121 7.64 13.66 -7.04
C ALA A 121 7.29 13.03 -8.38
N PRO A 122 8.03 12.02 -8.82
CA PRO A 122 7.84 11.49 -10.16
C PRO A 122 6.58 10.66 -10.31
N HIS A 123 6.06 10.13 -9.20
CA HIS A 123 4.86 9.32 -9.27
C HIS A 123 3.70 10.13 -9.81
N ARG A 124 2.70 9.43 -10.35
CA ARG A 124 1.52 10.10 -10.90
C ARG A 124 0.82 10.91 -9.83
N VAL A 125 0.38 10.26 -8.76
CA VAL A 125 -0.17 10.93 -7.59
C VAL A 125 0.36 10.22 -6.35
N LEU A 126 0.58 10.99 -5.29
CA LEU A 126 1.17 10.44 -4.07
C LEU A 126 0.15 9.57 -3.33
N ALA A 127 0.57 9.05 -2.18
CA ALA A 127 -0.27 8.21 -1.36
C ALA A 127 0.02 8.46 0.11
N THR A 128 -0.99 8.25 0.94
CA THR A 128 -0.82 8.36 2.38
C THR A 128 -0.48 7.03 3.04
N VAL A 129 -0.87 5.92 2.43
CA VAL A 129 -0.48 4.59 2.88
C VAL A 129 -0.12 3.78 1.64
N TYR A 130 0.92 2.96 1.75
CA TYR A 130 1.43 2.19 0.63
C TYR A 130 1.39 0.81 1.27
N ASN A 131 0.64 -0.11 0.65
CA ASN A 131 0.58 -1.47 1.16
C ASN A 131 1.63 -2.16 0.31
N GLY A 132 2.34 -3.11 0.91
CA GLY A 132 3.36 -3.86 0.24
C GLY A 132 4.73 -3.56 0.81
N ASN A 133 5.68 -4.43 0.46
CA ASN A 133 7.03 -4.36 0.99
C ASN A 133 7.73 -3.10 0.52
N SER A 134 8.73 -2.68 1.29
CA SER A 134 9.60 -1.59 0.86
C SER A 134 10.37 -2.01 -0.38
N LYS A 135 10.83 -1.02 -1.13
CA LYS A 135 11.46 -1.31 -2.41
C LYS A 135 12.82 -1.97 -2.22
N TYR A 136 12.90 -3.24 -2.60
CA TYR A 136 14.14 -4.01 -2.57
C TYR A 136 14.79 -4.01 -1.19
N LEU A 153 8.49 -4.98 4.52
CA LEU A 153 7.20 -5.57 4.82
C LEU A 153 6.36 -4.61 5.64
N ALA A 154 6.86 -3.39 5.83
CA ALA A 154 6.22 -2.39 6.68
C ALA A 154 5.46 -1.40 5.82
N ALA A 155 4.51 -0.71 6.44
CA ALA A 155 3.73 0.33 5.77
C ALA A 155 4.80 1.29 6.25
N GLN A 156 5.68 1.70 5.32
CA GLN A 156 6.77 2.66 5.63
C GLN A 156 6.62 3.24 4.22
N LEU A 157 6.24 4.52 4.12
CA LEU A 157 6.07 5.20 2.81
C LEU A 157 7.42 5.30 2.09
N PRO A 158 7.47 5.13 0.75
CA PRO A 158 8.72 5.24 -0.02
C PRO A 158 9.27 6.67 0.01
N ALA A 159 10.60 6.81 -0.13
CA ALA A 159 11.32 8.10 -0.09
C ALA A 159 10.93 9.02 -1.27
N SER A 160 10.42 8.44 -2.36
CA SER A 160 9.99 9.24 -3.53
C SER A 160 8.69 9.98 -3.20
N PHE A 161 8.05 9.62 -2.09
CA PHE A 161 6.78 10.30 -1.69
C PHE A 161 7.02 11.77 -1.31
N ASN A 162 8.11 12.07 -0.59
CA ASN A 162 8.38 13.46 -0.13
C ASN A 162 8.59 14.42 -1.31
N TYR A 163 8.03 15.63 -1.20
CA TYR A 163 8.13 16.67 -2.25
C TYR A 163 9.58 17.17 -2.41
N GLY A 164 10.27 17.46 -1.29
CA GLY A 164 11.64 18.00 -1.36
C GLY A 164 12.37 17.92 -0.03
N ALA A 165 13.67 18.19 -0.03
CA ALA A 165 14.48 18.19 1.22
C ALA A 165 15.14 19.56 1.41
N ILE A 166 14.84 20.23 2.53
CA ILE A 166 15.39 21.53 2.85
C ILE A 166 16.43 21.35 3.93
N ARG A 167 17.42 22.24 3.93
CA ARG A 167 18.47 22.18 4.95
C ARG A 167 18.70 23.68 5.10
N ALA A 168 18.72 24.14 6.34
CA ALA A 168 19.17 25.49 6.66
C ALA A 168 20.11 25.20 7.81
N THR A 169 20.92 26.20 8.17
CA THR A 169 21.83 26.02 9.29
C THR A 169 21.09 25.63 10.56
N GLU A 170 19.88 26.15 10.74
CA GLU A 170 18.99 25.71 11.81
C GLU A 170 17.59 26.22 11.53
N ILE A 171 16.61 25.36 11.77
CA ILE A 171 15.21 25.67 11.51
C ILE A 171 14.47 25.79 12.84
N GLN A 172 13.80 26.92 13.03
CA GLN A 172 13.00 27.14 14.24
C GLN A 172 11.61 26.55 14.09
N GLU A 173 10.86 27.02 13.10
CA GLU A 173 9.51 26.53 12.83
C GLU A 173 9.40 26.21 11.35
N LEU A 174 8.32 25.52 10.99
CA LEU A 174 8.06 25.18 9.60
C LEU A 174 6.56 25.06 9.40
N LEU A 175 6.06 25.74 8.37
CA LEU A 175 4.65 25.68 8.03
C LEU A 175 4.51 25.25 6.58
N VAL A 176 3.43 24.53 6.28
CA VAL A 176 3.17 24.01 4.96
C VAL A 176 1.72 24.25 4.60
N ARG A 177 1.46 24.51 3.31
CA ARG A 177 0.11 24.75 2.83
C ARG A 177 -0.01 24.18 1.44
N MET A 178 -1.05 23.39 1.21
CA MET A 178 -1.25 22.72 -0.06
C MET A 178 -2.18 23.54 -0.94
N LYS A 179 -1.69 23.93 -2.12
CA LYS A 179 -2.48 24.69 -3.08
C LYS A 179 -3.06 23.77 -4.14
N ARG A 180 -4.18 24.22 -4.72
CA ARG A 180 -4.91 23.51 -5.78
C ARG A 180 -4.95 22.01 -5.60
N ALA A 181 -5.14 21.57 -4.36
CA ALA A 181 -5.11 20.15 -4.02
C ALA A 181 -6.43 19.49 -4.34
N GLU A 182 -6.36 18.28 -4.88
CA GLU A 182 -7.53 17.42 -5.02
C GLU A 182 -7.20 16.07 -4.40
N LEU A 183 -8.15 15.50 -3.67
CA LEU A 183 -7.94 14.26 -2.95
C LEU A 183 -8.76 13.16 -3.60
N TYR A 184 -8.19 11.96 -3.66
CA TYR A 184 -8.85 10.81 -4.26
C TYR A 184 -9.05 9.72 -3.22
N CYS A 185 -10.06 8.87 -3.47
CA CYS A 185 -10.27 7.66 -2.68
C CYS A 185 -10.40 7.86 -1.17
N PRO A 186 -11.48 8.46 -0.70
CA PRO A 186 -11.58 8.78 0.74
C PRO A 186 -11.33 7.60 1.67
N ARG A 187 -11.08 7.93 2.93
CA ARG A 187 -10.71 6.99 3.98
C ARG A 187 -11.36 7.40 5.28
N PRO A 188 -11.36 6.51 6.28
CA PRO A 188 -11.99 6.87 7.56
C PRO A 188 -11.31 8.05 8.23
N LEU A 189 -12.10 8.79 9.02
CA LEU A 189 -11.63 10.02 9.64
C LEU A 189 -11.41 9.90 11.15
N LEU A 190 -12.10 8.98 11.81
CA LEU A 190 -11.78 8.59 13.19
C LEU A 190 -11.89 9.70 14.24
N ALA A 191 -13.10 10.25 14.34
CA ALA A 191 -13.41 11.25 15.36
C ALA A 191 -13.01 10.84 16.78
N VAL A 192 -12.84 11.87 17.63
CA VAL A 192 -12.40 11.63 19.00
C VAL A 192 -13.37 10.74 19.78
N LYS A 193 -12.81 9.97 20.71
CA LYS A 193 -13.60 9.06 21.52
C LYS A 193 -14.05 9.73 22.81
N VAL A 194 -15.32 9.50 23.17
CA VAL A 194 -15.88 9.98 24.42
C VAL A 194 -16.66 8.85 25.06
N THR A 195 -16.56 8.75 26.39
CA THR A 195 -17.18 7.67 27.13
C THR A 195 -17.87 8.23 28.36
N SER A 196 -18.64 7.36 29.03
CA SER A 196 -19.28 7.62 30.32
C SER A 196 -20.05 8.94 30.23
N GLN A 197 -20.69 9.21 29.09
CA GLN A 197 -21.47 10.43 28.91
C GLN A 197 -22.13 10.23 27.55
N ASP A 198 -22.99 11.18 27.19
CA ASP A 198 -23.53 11.25 25.84
C ASP A 198 -23.22 12.39 24.89
N ARG A 199 -22.47 13.39 25.34
CA ARG A 199 -22.04 14.48 24.49
C ARG A 199 -20.59 14.55 24.96
N HIS A 200 -19.73 15.11 24.10
CA HIS A 200 -18.31 15.19 24.46
C HIS A 200 -18.08 16.20 25.58
N LYS A 201 -18.89 17.25 25.64
CA LYS A 201 -18.89 18.19 26.76
C LYS A 201 -17.56 18.92 26.90
N GLN A 202 -17.09 19.50 25.80
CA GLN A 202 -15.87 20.30 25.85
C GLN A 202 -16.22 21.75 26.17
N LYS A 203 -15.25 22.45 26.77
CA LYS A 203 -15.44 23.86 27.07
C LYS A 203 -15.51 24.67 25.79
N ILE A 204 -16.54 25.49 25.66
CA ILE A 204 -16.82 26.24 24.45
C ILE A 204 -16.49 27.70 24.69
N ILE A 205 -15.97 28.35 23.65
CA ILE A 205 -15.58 29.76 23.72
C ILE A 205 -16.78 30.64 24.03
N ARG B 13 -34.43 -11.96 -8.78
CA ARG B 13 -33.63 -11.08 -9.63
C ARG B 13 -32.24 -11.69 -9.90
N ILE B 14 -32.21 -12.60 -10.86
CA ILE B 14 -30.98 -13.33 -11.18
C ILE B 14 -30.00 -12.41 -11.87
N LEU B 15 -28.75 -12.85 -11.98
CA LEU B 15 -27.70 -12.04 -12.60
C LEU B 15 -26.63 -12.98 -13.12
N THR B 16 -26.37 -12.91 -14.42
CA THR B 16 -25.42 -13.80 -15.09
C THR B 16 -24.19 -12.98 -15.49
N THR B 17 -23.09 -13.19 -14.80
CA THR B 17 -21.85 -12.56 -15.19
C THR B 17 -21.12 -13.43 -16.21
N ARG B 18 -19.99 -12.92 -16.71
CA ARG B 18 -19.19 -13.64 -17.68
C ARG B 18 -17.84 -12.96 -17.80
N ASN B 19 -16.78 -13.76 -17.80
CA ASN B 19 -15.44 -13.26 -18.05
C ASN B 19 -14.65 -14.37 -18.72
N GLY B 20 -13.94 -14.02 -19.79
CA GLY B 20 -13.21 -15.03 -20.54
C GLY B 20 -14.16 -16.10 -21.04
N HIS B 21 -14.10 -17.28 -20.44
CA HIS B 21 -14.99 -18.37 -20.79
C HIS B 21 -15.75 -18.95 -19.61
N THR B 22 -15.34 -18.71 -18.38
CA THR B 22 -16.05 -19.21 -17.21
C THR B 22 -17.12 -18.22 -16.79
N THR B 23 -18.20 -18.74 -16.22
CA THR B 23 -19.33 -17.93 -15.80
C THR B 23 -19.81 -18.37 -14.43
N SER B 24 -20.37 -17.43 -13.67
CA SER B 24 -20.91 -17.70 -12.34
C SER B 24 -22.25 -17.02 -12.58
N THR B 25 -23.34 -17.77 -12.40
CA THR B 25 -24.70 -17.20 -12.63
C THR B 25 -25.29 -17.38 -11.23
N THR B 26 -25.55 -16.27 -10.53
CA THR B 26 -26.14 -16.34 -9.16
C THR B 26 -27.52 -15.67 -9.17
N GLN B 27 -28.56 -16.43 -8.79
CA GLN B 27 -29.96 -15.93 -8.74
C GLN B 27 -30.12 -14.86 -7.64
N SER B 28 -29.45 -15.06 -6.51
CA SER B 28 -29.55 -14.17 -5.32
C SER B 28 -28.87 -12.80 -5.51
N SER B 29 -28.04 -12.62 -6.54
CA SER B 29 -27.31 -11.34 -6.73
C SER B 29 -28.31 -10.19 -6.78
N VAL B 30 -28.00 -9.08 -6.09
CA VAL B 30 -28.90 -7.89 -6.02
C VAL B 30 -28.46 -6.82 -7.04
N GLY B 31 -27.19 -6.85 -7.47
CA GLY B 31 -26.72 -5.88 -8.45
C GLY B 31 -25.25 -5.58 -8.28
N VAL B 32 -24.56 -5.42 -9.39
CA VAL B 32 -23.14 -5.08 -9.38
C VAL B 32 -22.98 -3.64 -8.92
N THR B 33 -21.92 -3.39 -8.15
CA THR B 33 -21.57 -2.04 -7.71
C THR B 33 -20.15 -1.74 -8.11
N TYR B 34 -19.96 -0.68 -8.89
CA TYR B 34 -18.63 -0.31 -9.33
C TYR B 34 -17.94 0.54 -8.26
N GLY B 35 -16.61 0.45 -8.25
CA GLY B 35 -15.84 1.17 -7.25
C GLY B 35 -15.05 2.32 -7.84
N TYR B 36 -15.44 3.54 -7.46
CA TYR B 36 -14.70 4.76 -7.77
C TYR B 36 -14.78 5.16 -9.23
N SER B 37 -15.29 4.27 -10.09
CA SER B 37 -15.33 4.53 -11.52
C SER B 37 -16.24 3.52 -12.19
N THR B 38 -16.63 3.79 -13.43
CA THR B 38 -17.36 2.81 -14.20
C THR B 38 -16.37 2.14 -15.13
N GLY B 39 -15.22 2.75 -15.37
CA GLY B 39 -14.24 2.20 -16.27
C GLY B 39 -12.87 2.81 -16.05
N GLU B 40 -11.84 2.08 -16.45
CA GLU B 40 -10.47 2.51 -16.21
C GLU B 40 -10.13 3.71 -17.10
N ASP B 41 -9.08 4.42 -16.71
CA ASP B 41 -8.58 5.54 -17.49
C ASP B 41 -7.71 5.02 -18.62
N HIS B 42 -7.15 5.92 -19.43
CA HIS B 42 -6.27 5.52 -20.51
C HIS B 42 -5.15 4.60 -20.03
N VAL B 43 -4.75 3.69 -20.92
CA VAL B 43 -3.70 2.67 -20.61
C VAL B 43 -2.35 3.18 -21.12
N SER B 44 -2.30 3.63 -22.38
CA SER B 44 -1.01 4.11 -22.95
C SER B 44 -0.54 5.31 -22.12
N GLY B 45 0.76 5.35 -21.82
CA GLY B 45 1.35 6.43 -21.00
C GLY B 45 2.79 6.68 -21.39
N PRO B 46 3.46 7.73 -20.87
CA PRO B 46 4.85 8.00 -21.22
C PRO B 46 5.72 6.80 -20.80
N ASN B 47 5.47 6.24 -19.62
CA ASN B 47 6.22 5.05 -19.14
C ASN B 47 5.81 3.84 -19.99
N THR B 48 6.80 3.03 -20.38
CA THR B 48 6.73 1.76 -21.17
C THR B 48 6.67 2.02 -22.67
N SER B 49 6.56 3.29 -23.09
CA SER B 49 6.55 3.65 -24.54
C SER B 49 5.50 2.87 -25.32
N GLY B 50 4.30 2.69 -24.79
CA GLY B 50 3.22 1.97 -25.48
C GLY B 50 3.62 0.57 -25.92
N LEU B 51 4.33 -0.16 -25.06
CA LEU B 51 4.76 -1.55 -25.39
C LEU B 51 3.78 -2.56 -24.78
N GLU B 52 2.70 -2.06 -24.14
CA GLU B 52 1.70 -2.94 -23.48
C GLU B 52 1.00 -3.82 -24.52
N THR B 53 0.76 -5.08 -24.14
CA THR B 53 0.02 -6.04 -25.00
C THR B 53 -1.10 -6.66 -24.16
N ARG B 54 -2.31 -6.10 -24.24
CA ARG B 54 -3.48 -6.59 -23.48
C ARG B 54 -3.60 -8.11 -23.58
N VAL B 55 -3.36 -8.81 -22.45
CA VAL B 55 -3.52 -10.28 -22.37
C VAL B 55 -4.87 -10.59 -21.71
N VAL B 56 -5.83 -11.08 -22.49
CA VAL B 56 -7.21 -11.38 -21.98
C VAL B 56 -7.33 -12.85 -21.56
N GLN B 57 -6.26 -13.62 -21.69
CA GLN B 57 -6.28 -15.07 -21.35
C GLN B 57 -6.54 -15.30 -19.85
N ALA B 58 -6.00 -14.44 -18.98
CA ALA B 58 -6.09 -14.57 -17.50
C ALA B 58 -7.50 -14.25 -16.95
N GLU B 59 -8.38 -13.65 -17.74
CA GLU B 59 -9.75 -13.23 -17.32
C GLU B 59 -10.21 -14.68 -17.12
N ARG B 60 -10.38 -15.18 -15.89
CA ARG B 60 -10.82 -16.56 -15.75
C ARG B 60 -11.32 -16.01 -14.43
N PHE B 61 -12.06 -16.84 -13.69
CA PHE B 61 -12.43 -16.50 -12.33
C PHE B 61 -11.60 -17.57 -11.66
N PHE B 62 -11.20 -17.31 -10.41
CA PHE B 62 -10.51 -18.32 -9.62
C PHE B 62 -11.05 -18.29 -8.20
N LYS B 63 -11.37 -19.46 -7.65
CA LYS B 63 -11.88 -19.52 -6.30
C LYS B 63 -10.79 -19.22 -5.29
N LYS B 64 -11.22 -18.92 -4.07
CA LYS B 64 -10.31 -18.72 -2.95
C LYS B 64 -11.11 -18.83 -1.67
N HIS B 65 -10.72 -19.76 -0.80
CA HIS B 65 -11.41 -19.94 0.50
C HIS B 65 -11.17 -18.71 1.37
N LEU B 66 -12.17 -18.33 2.17
CA LEU B 66 -12.11 -17.15 3.07
C LEU B 66 -12.47 -17.59 4.49
N PHE B 67 -12.33 -16.69 5.46
CA PHE B 67 -12.62 -17.05 6.87
C PHE B 67 -14.05 -17.60 6.95
N ASP B 68 -14.19 -18.76 7.59
CA ASP B 68 -15.50 -19.43 7.74
C ASP B 68 -16.36 -18.57 8.68
N TRP B 69 -17.64 -18.37 8.35
CA TRP B 69 -18.52 -17.57 9.23
C TRP B 69 -19.07 -18.48 10.32
N THR B 70 -18.80 -18.14 11.58
CA THR B 70 -19.24 -18.95 12.74
C THR B 70 -20.09 -18.08 13.66
N THR B 71 -21.16 -18.64 14.23
CA THR B 71 -22.06 -17.88 15.14
C THR B 71 -21.16 -17.10 16.08
N ASP B 72 -20.00 -17.66 16.47
CA ASP B 72 -19.07 -16.94 17.39
C ASP B 72 -18.49 -15.56 17.02
N LYS B 73 -17.98 -15.39 15.80
CA LYS B 73 -17.31 -14.13 15.36
C LYS B 73 -18.12 -12.91 15.72
N PRO B 74 -17.77 -11.81 16.71
CA PRO B 74 -18.46 -10.54 16.99
C PRO B 74 -18.26 -9.52 15.89
N PHE B 75 -18.75 -8.30 16.11
CA PHE B 75 -18.61 -7.27 15.10
C PHE B 75 -17.15 -6.87 14.92
N GLY B 76 -16.69 -6.87 13.69
CA GLY B 76 -15.37 -6.36 13.38
C GLY B 76 -14.28 -7.38 13.27
N HIS B 77 -14.61 -8.65 13.02
CA HIS B 77 -13.58 -9.68 12.85
C HIS B 77 -13.15 -9.66 11.39
N ILE B 78 -12.32 -8.66 11.07
CA ILE B 78 -11.85 -8.46 9.70
C ILE B 78 -11.06 -9.68 9.24
N GLU B 79 -11.32 -10.12 8.01
CA GLU B 79 -10.59 -11.21 7.38
C GLU B 79 -10.24 -10.44 6.12
N LYS B 80 -8.95 -10.36 5.81
CA LYS B 80 -8.49 -9.56 4.69
C LYS B 80 -8.06 -10.63 3.70
N LEU B 81 -7.78 -10.19 2.47
CA LEU B 81 -7.22 -11.08 1.46
C LEU B 81 -6.47 -10.04 0.64
N GLU B 82 -5.20 -10.32 0.33
CA GLU B 82 -4.39 -9.37 -0.41
C GLU B 82 -4.56 -9.81 -1.85
N LEU B 83 -4.48 -8.84 -2.77
CA LEU B 83 -4.66 -9.11 -4.18
C LEU B 83 -3.51 -8.51 -4.98
N PRO B 84 -2.97 -9.23 -5.96
CA PRO B 84 -3.37 -10.59 -6.33
C PRO B 84 -2.75 -11.65 -5.45
N THR B 85 -3.57 -12.59 -4.98
CA THR B 85 -3.07 -13.65 -4.14
C THR B 85 -2.36 -14.70 -4.98
N ASP B 86 -1.69 -15.63 -4.30
CA ASP B 86 -0.92 -16.67 -4.99
C ASP B 86 -1.98 -17.17 -5.96
N HIS B 87 -1.65 -17.17 -7.24
CA HIS B 87 -2.51 -17.72 -8.27
C HIS B 87 -1.51 -18.64 -8.95
N LYS B 88 -1.92 -19.87 -9.25
CA LYS B 88 -1.02 -20.88 -9.76
C LYS B 88 -1.29 -21.24 -11.22
N GLY B 89 -2.17 -20.52 -11.89
CA GLY B 89 -2.51 -20.80 -13.27
C GLY B 89 -1.96 -19.76 -14.23
N VAL B 90 -2.82 -19.33 -15.15
CA VAL B 90 -2.39 -18.40 -16.19
C VAL B 90 -1.91 -17.09 -15.57
N TYR B 91 -2.69 -16.54 -14.63
CA TYR B 91 -2.33 -15.26 -14.03
C TYR B 91 -1.03 -15.36 -13.25
N GLY B 92 -0.81 -16.48 -12.56
CA GLY B 92 0.43 -16.65 -11.83
C GLY B 92 1.63 -16.75 -12.74
N GLN B 93 1.53 -17.58 -13.78
CA GLN B 93 2.61 -17.65 -14.76
C GLN B 93 2.86 -16.29 -15.40
N LEU B 94 1.80 -15.50 -15.58
CA LEU B 94 1.96 -14.18 -16.18
C LEU B 94 2.73 -13.24 -15.25
N VAL B 95 2.26 -13.10 -14.01
CA VAL B 95 2.91 -12.18 -13.09
C VAL B 95 4.32 -12.64 -12.75
N ASP B 96 4.64 -13.92 -12.94
CA ASP B 96 6.01 -14.36 -12.74
C ASP B 96 6.85 -14.21 -14.00
N SER B 97 6.23 -14.14 -15.18
CA SER B 97 6.98 -14.04 -16.41
C SER B 97 7.06 -12.62 -16.94
N PHE B 98 6.17 -11.73 -16.53
CA PHE B 98 6.20 -10.34 -16.93
C PHE B 98 6.48 -9.46 -15.72
N ALA B 99 7.12 -8.33 -15.97
CA ALA B 99 7.57 -7.48 -14.88
C ALA B 99 6.48 -6.56 -14.36
N TYR B 100 5.80 -5.84 -15.23
CA TYR B 100 4.76 -4.91 -14.84
C TYR B 100 3.42 -5.35 -15.41
N MET B 101 2.35 -5.07 -14.68
CA MET B 101 1.02 -5.34 -15.18
C MET B 101 0.02 -4.42 -14.48
N ARG B 102 -1.25 -4.55 -14.86
CA ARG B 102 -2.31 -3.72 -14.32
C ARG B 102 -3.64 -4.38 -14.68
N ASN B 103 -4.62 -4.24 -13.79
CA ASN B 103 -5.88 -4.94 -13.99
C ASN B 103 -7.01 -4.25 -13.23
N GLY B 104 -8.24 -4.43 -13.69
CA GLY B 104 -9.38 -4.12 -12.85
C GLY B 104 -9.72 -5.48 -12.25
N TRP B 105 -10.37 -5.48 -11.09
CA TRP B 105 -10.38 -6.69 -10.29
C TRP B 105 -11.67 -7.49 -10.34
N ASP B 106 -12.84 -6.84 -10.35
CA ASP B 106 -14.11 -7.53 -10.52
C ASP B 106 -14.36 -8.69 -9.55
N VAL B 107 -14.17 -8.41 -8.27
CA VAL B 107 -14.35 -9.43 -7.25
C VAL B 107 -15.80 -9.91 -7.16
N GLU B 108 -15.99 -11.08 -6.55
CA GLU B 108 -17.33 -11.63 -6.38
C GLU B 108 -17.27 -12.63 -5.24
N VAL B 109 -17.99 -12.36 -4.16
CA VAL B 109 -17.98 -13.20 -2.97
C VAL B 109 -19.40 -13.70 -2.73
N SER B 110 -19.50 -14.93 -2.22
CA SER B 110 -20.79 -15.59 -2.06
C SER B 110 -20.79 -16.39 -0.77
N ALA B 111 -21.71 -16.05 0.13
CA ALA B 111 -21.91 -16.80 1.38
C ALA B 111 -23.31 -17.39 1.35
N VAL B 112 -23.40 -18.70 1.22
CA VAL B 112 -24.67 -19.39 1.01
C VAL B 112 -25.19 -19.93 2.35
N GLY B 113 -26.33 -19.36 2.78
CA GLY B 113 -27.00 -19.81 4.02
C GLY B 113 -28.24 -20.61 3.68
N ASN B 114 -29.01 -21.02 4.70
CA ASN B 114 -30.26 -21.78 4.46
C ASN B 114 -31.45 -20.82 4.38
N GLN B 115 -31.18 -19.51 4.52
CA GLN B 115 -32.14 -18.37 4.50
C GLN B 115 -32.95 -18.34 5.80
N PHE B 116 -32.46 -19.01 6.84
CA PHE B 116 -33.12 -19.07 8.17
C PHE B 116 -32.15 -18.61 9.25
N ASN B 117 -31.03 -17.98 8.85
CA ASN B 117 -30.13 -17.45 9.85
C ASN B 117 -29.78 -16.00 9.54
N GLY B 118 -29.91 -15.13 10.53
CA GLY B 118 -29.72 -13.71 10.33
C GLY B 118 -28.30 -13.27 10.65
N GLY B 119 -27.77 -12.39 9.81
CA GLY B 119 -26.44 -11.85 10.00
C GLY B 119 -26.03 -11.03 8.81
N CYS B 120 -25.39 -9.89 9.04
CA CYS B 120 -25.04 -8.97 7.96
C CYS B 120 -23.53 -8.99 7.78
N LEU B 121 -23.08 -9.60 6.71
CA LEU B 121 -21.67 -9.64 6.37
C LEU B 121 -21.37 -8.51 5.41
N LEU B 122 -20.33 -7.73 5.71
CA LEU B 122 -19.96 -6.59 4.90
C LEU B 122 -18.67 -6.90 4.16
N VAL B 123 -18.74 -6.87 2.84
CA VAL B 123 -17.57 -7.08 1.97
C VAL B 123 -17.25 -5.78 1.27
N ALA B 124 -15.99 -5.35 1.39
CA ALA B 124 -15.56 -4.09 0.81
C ALA B 124 -14.15 -4.25 0.26
N MET B 125 -13.88 -3.59 -0.86
CA MET B 125 -12.58 -3.67 -1.52
C MET B 125 -12.08 -2.38 -0.89
N VAL B 126 -10.95 -2.47 -0.20
CA VAL B 126 -10.36 -1.27 0.42
C VAL B 126 -9.04 -1.30 -0.35
N PRO B 127 -8.59 -0.18 -0.89
CA PRO B 127 -7.26 -0.14 -1.51
C PRO B 127 -6.19 0.35 -0.54
N GLU B 128 -4.99 -0.15 -0.75
CA GLU B 128 -3.83 0.20 0.08
C GLU B 128 -4.01 -0.10 1.57
N PHE B 129 -4.36 -1.37 1.84
CA PHE B 129 -4.74 -1.77 3.17
C PHE B 129 -3.78 -1.32 4.27
N LYS B 130 -4.34 -1.06 5.44
CA LYS B 130 -3.58 -0.81 6.65
C LYS B 130 -4.50 -1.13 7.82
N GLU B 131 -3.96 -1.93 8.75
CA GLU B 131 -4.67 -2.44 9.95
C GLU B 131 -5.53 -1.31 10.52
N PHE B 132 -6.81 -1.60 10.78
CA PHE B 132 -7.74 -0.66 11.44
C PHE B 132 -7.57 -0.81 12.96
N THR B 133 -7.96 0.21 13.73
CA THR B 133 -7.80 0.19 15.21
C THR B 133 -9.17 0.16 15.89
N THR B 134 -10.15 -0.55 15.33
CA THR B 134 -11.51 -0.75 15.92
C THR B 134 -12.33 0.54 16.14
N ARG B 135 -12.01 1.66 15.49
CA ARG B 135 -12.81 2.90 15.64
C ARG B 135 -12.93 3.13 14.12
N GLU B 136 -11.85 2.89 13.38
CA GLU B 136 -11.85 3.08 11.91
C GLU B 136 -12.88 2.17 11.26
N LYS B 137 -12.99 0.91 11.74
CA LYS B 137 -13.93 -0.10 11.20
C LYS B 137 -15.32 0.50 11.00
N TYR B 138 -15.86 1.18 12.02
CA TYR B 138 -17.20 1.80 11.93
C TYR B 138 -17.27 2.52 10.58
N GLN B 139 -16.15 3.12 10.17
CA GLN B 139 -16.08 3.87 8.88
C GLN B 139 -15.57 3.06 7.68
N LEU B 140 -15.66 1.73 7.73
CA LEU B 140 -15.18 0.80 6.65
C LEU B 140 -16.07 0.82 5.40
N THR B 141 -17.26 1.44 5.46
CA THR B 141 -18.21 1.49 4.31
C THR B 141 -17.88 2.67 3.38
N LEU B 142 -16.84 3.45 3.68
CA LEU B 142 -16.44 4.61 2.84
C LEU B 142 -16.05 4.11 1.44
N PHE B 143 -15.33 2.99 1.34
CA PHE B 143 -14.94 2.39 0.04
C PHE B 143 -16.10 1.52 -0.48
N PRO B 144 -16.07 0.88 -1.84
CA PRO B 144 -16.98 0.05 -2.64
C PRO B 144 -17.33 -1.21 -1.86
N HIS B 145 -18.61 -1.38 -1.58
CA HIS B 145 -19.03 -2.42 -0.65
C HIS B 145 -20.44 -2.87 -0.99
N GLN B 146 -20.79 -4.05 -0.48
CA GLN B 146 -22.13 -4.59 -0.59
C GLN B 146 -22.41 -5.48 0.60
N PHE B 147 -23.61 -5.33 1.17
CA PHE B 147 -23.98 -6.07 2.37
C PHE B 147 -24.48 -7.45 1.98
N ILE B 148 -23.64 -8.47 2.21
CA ILE B 148 -24.01 -9.87 1.89
C ILE B 148 -24.63 -10.51 3.12
N SER B 149 -25.96 -10.65 3.13
CA SER B 149 -26.68 -11.24 4.28
C SER B 149 -27.57 -12.39 3.78
N PRO B 150 -27.75 -13.47 4.57
CA PRO B 150 -28.56 -14.62 4.15
C PRO B 150 -30.01 -14.25 3.84
N ARG B 151 -30.58 -13.31 4.58
CA ARG B 151 -32.00 -12.90 4.42
C ARG B 151 -32.28 -12.38 3.01
N THR B 152 -31.39 -11.58 2.41
CA THR B 152 -31.71 -11.03 1.07
C THR B 152 -30.88 -11.64 -0.06
N ASN B 153 -29.60 -11.25 -0.21
CA ASN B 153 -28.77 -11.75 -1.33
C ASN B 153 -27.53 -12.49 -0.81
N MET B 154 -27.30 -13.71 -1.32
CA MET B 154 -26.13 -14.53 -0.88
C MET B 154 -24.85 -14.03 -1.55
N THR B 155 -24.96 -13.25 -2.63
CA THR B 155 -23.77 -12.71 -3.27
C THR B 155 -23.53 -11.22 -3.39
N ALA B 156 -22.27 -10.83 -3.48
CA ALA B 156 -21.88 -9.45 -3.74
C ALA B 156 -20.88 -9.42 -4.87
N HIS B 157 -21.10 -8.52 -5.83
CA HIS B 157 -20.34 -8.50 -7.08
C HIS B 157 -19.86 -7.05 -7.00
N ILE B 158 -18.55 -6.88 -6.88
CA ILE B 158 -17.92 -5.56 -6.79
C ILE B 158 -16.91 -5.63 -7.92
N THR B 159 -16.80 -4.55 -8.69
CA THR B 159 -15.76 -4.44 -9.71
C THR B 159 -15.09 -3.10 -9.56
N VAL B 160 -13.79 -3.11 -9.30
CA VAL B 160 -13.04 -1.86 -9.14
C VAL B 160 -11.95 -1.80 -10.20
N PRO B 161 -11.68 -0.64 -10.78
CA PRO B 161 -10.57 -0.53 -11.72
C PRO B 161 -9.26 -0.34 -10.98
N TYR B 162 -8.19 -0.83 -11.60
CA TYR B 162 -6.88 -0.75 -10.98
C TYR B 162 -6.48 0.71 -10.79
N LEU B 163 -5.96 1.02 -9.62
CA LEU B 163 -5.50 2.37 -9.30
C LEU B 163 -4.30 2.29 -8.38
N GLY B 164 -3.27 3.04 -8.71
CA GLY B 164 -2.05 3.04 -7.92
C GLY B 164 -1.27 4.29 -8.19
N VAL B 165 -0.23 4.49 -7.37
CA VAL B 165 0.61 5.68 -7.49
C VAL B 165 1.35 5.74 -8.81
N ASN B 166 1.32 4.68 -9.59
CA ASN B 166 1.96 4.65 -10.89
C ASN B 166 0.94 4.10 -11.89
N ARG B 167 1.23 4.25 -13.18
CA ARG B 167 0.47 3.53 -14.19
C ARG B 167 0.48 2.01 -14.11
N TYR B 168 1.66 1.43 -13.92
CA TYR B 168 1.84 0.00 -13.71
C TYR B 168 2.67 -0.23 -12.46
N ASP B 169 2.59 -1.44 -11.92
CA ASP B 169 3.40 -1.79 -10.75
C ASP B 169 3.84 -3.25 -10.75
N GLN B 170 4.87 -3.53 -9.97
CA GLN B 170 5.35 -4.90 -9.81
C GLN B 170 4.52 -5.57 -8.72
N TYR B 171 3.67 -6.52 -9.10
CA TYR B 171 2.81 -7.17 -8.13
C TYR B 171 3.59 -7.92 -7.07
N ASN B 172 4.84 -8.28 -7.32
CA ASN B 172 5.67 -8.85 -6.26
C ASN B 172 5.90 -7.99 -5.03
N LYS B 173 5.85 -6.68 -5.17
CA LYS B 173 6.14 -5.76 -4.09
C LYS B 173 4.96 -4.91 -3.68
N HIS B 174 4.16 -4.44 -4.63
CA HIS B 174 3.06 -3.52 -4.36
C HIS B 174 1.75 -4.22 -4.69
N LYS B 175 0.89 -4.38 -3.68
CA LYS B 175 -0.40 -5.04 -3.84
C LYS B 175 -1.49 -4.06 -3.41
N PRO B 176 -2.09 -3.33 -4.35
CA PRO B 176 -2.99 -2.24 -3.95
C PRO B 176 -4.24 -2.69 -3.22
N TRP B 177 -5.03 -3.57 -3.82
CA TRP B 177 -6.34 -3.90 -3.29
C TRP B 177 -6.24 -5.03 -2.27
N THR B 178 -7.15 -5.01 -1.30
CA THR B 178 -7.30 -6.09 -0.34
C THR B 178 -8.79 -6.26 -0.05
N LEU B 179 -9.35 -7.39 -0.48
CA LEU B 179 -10.75 -7.69 -0.19
C LEU B 179 -10.91 -7.96 1.30
N VAL B 180 -11.47 -7.01 2.03
CA VAL B 180 -11.76 -7.20 3.44
C VAL B 180 -13.22 -7.57 3.60
N VAL B 181 -13.50 -8.46 4.55
CA VAL B 181 -14.83 -8.97 4.79
C VAL B 181 -15.09 -8.81 6.28
N MET B 182 -15.80 -7.76 6.66
CA MET B 182 -16.09 -7.46 8.05
C MET B 182 -17.47 -8.02 8.41
N VAL B 183 -17.60 -8.54 9.62
CA VAL B 183 -18.82 -9.18 10.07
C VAL B 183 -19.62 -8.15 10.86
N VAL B 184 -20.56 -7.49 10.19
CA VAL B 184 -21.34 -6.43 10.84
C VAL B 184 -22.25 -7.02 11.91
N SER B 185 -22.97 -8.09 11.58
CA SER B 185 -23.86 -8.70 12.55
C SER B 185 -23.48 -10.15 12.79
N PRO B 186 -23.44 -10.59 14.04
CA PRO B 186 -23.11 -11.99 14.30
C PRO B 186 -24.19 -12.91 13.73
N LEU B 187 -23.76 -13.93 13.00
CA LEU B 187 -24.70 -14.85 12.40
C LEU B 187 -25.51 -15.57 13.46
N THR B 188 -26.80 -15.21 13.54
CA THR B 188 -27.72 -15.85 14.51
C THR B 188 -28.14 -17.19 13.90
N THR B 189 -27.67 -18.30 14.46
CA THR B 189 -28.00 -19.63 13.88
C THR B 189 -29.26 -20.20 14.53
N SER B 190 -30.34 -20.27 13.75
CA SER B 190 -31.63 -20.87 14.19
C SER B 190 -31.57 -22.39 13.98
N SER B 191 -32.54 -23.13 14.51
CA SER B 191 -32.56 -24.61 14.33
C SER B 191 -32.67 -24.93 12.83
N ILE B 192 -33.51 -24.19 12.12
CA ILE B 192 -33.75 -24.39 10.66
C ILE B 192 -32.54 -23.89 9.84
N GLY B 193 -31.96 -22.74 10.22
CA GLY B 193 -30.82 -22.18 9.47
C GLY B 193 -29.53 -22.96 9.69
N ALA B 194 -28.56 -22.78 8.79
CA ALA B 194 -27.24 -23.47 8.88
C ALA B 194 -26.42 -22.83 10.01
N SER B 195 -25.88 -23.65 10.91
CA SER B 195 -25.07 -23.15 12.05
C SER B 195 -23.80 -22.45 11.56
N GLN B 196 -23.13 -23.03 10.56
CA GLN B 196 -21.87 -22.44 10.02
C GLN B 196 -22.01 -22.24 8.51
N ILE B 197 -21.65 -21.05 8.01
CA ILE B 197 -21.72 -20.76 6.55
C ILE B 197 -20.33 -20.34 6.06
N LYS B 198 -19.78 -21.05 5.08
CA LYS B 198 -18.43 -20.77 4.53
C LYS B 198 -18.51 -19.58 3.56
N VAL B 199 -17.37 -18.96 3.27
CA VAL B 199 -17.33 -17.78 2.34
C VAL B 199 -16.28 -18.02 1.25
N TYR B 200 -16.72 -18.12 -0.01
CA TYR B 200 -15.84 -18.33 -1.15
C TYR B 200 -15.91 -17.13 -2.07
N THR B 201 -14.81 -16.86 -2.76
CA THR B 201 -14.67 -15.67 -3.58
C THR B 201 -14.39 -16.05 -5.02
N ASN B 202 -15.06 -15.36 -5.93
CA ASN B 202 -14.80 -15.45 -7.37
C ASN B 202 -14.08 -14.11 -7.51
N ILE B 203 -12.80 -14.17 -7.82
CA ILE B 203 -11.99 -12.97 -8.02
C ILE B 203 -11.53 -13.19 -9.45
N ALA B 204 -11.64 -12.16 -10.28
CA ALA B 204 -11.29 -12.36 -11.68
C ALA B 204 -10.80 -11.08 -12.32
N PRO B 205 -9.52 -10.97 -12.64
CA PRO B 205 -9.00 -9.72 -13.19
C PRO B 205 -9.63 -9.40 -14.53
N THR B 206 -9.72 -8.11 -14.84
CA THR B 206 -10.27 -7.66 -16.10
C THR B 206 -9.41 -6.53 -16.65
N HIS B 207 -9.36 -6.46 -17.98
CA HIS B 207 -8.55 -5.46 -18.70
C HIS B 207 -7.07 -5.57 -18.32
N VAL B 208 -6.61 -6.79 -18.09
CA VAL B 208 -5.25 -7.00 -17.64
C VAL B 208 -4.28 -6.69 -18.78
N HIS B 209 -3.42 -5.70 -18.58
CA HIS B 209 -2.33 -5.40 -19.49
C HIS B 209 -1.01 -5.82 -18.85
N VAL B 210 0.00 -6.02 -19.68
CA VAL B 210 1.34 -6.38 -19.24
C VAL B 210 2.35 -5.60 -20.06
N ALA B 211 3.62 -5.71 -19.67
CA ALA B 211 4.67 -4.97 -20.35
C ALA B 211 6.03 -5.53 -19.94
N GLY B 212 6.98 -5.48 -20.88
CA GLY B 212 8.36 -5.79 -20.55
C GLY B 212 8.62 -7.25 -20.26
N GLU B 213 8.59 -8.10 -21.30
CA GLU B 213 8.93 -9.51 -21.16
C GLU B 213 10.18 -9.68 -20.31
N LEU B 214 10.11 -10.60 -19.35
CA LEU B 214 11.16 -10.76 -18.36
C LEU B 214 11.86 -12.10 -18.54
N PRO B 215 13.19 -12.13 -18.53
CA PRO B 215 13.90 -13.39 -18.78
C PRO B 215 13.72 -14.37 -17.63
N SER B 216 13.17 -15.54 -17.94
CA SER B 216 12.87 -16.54 -16.94
C SER B 216 13.91 -17.66 -16.99
N LYS B 217 13.92 -18.48 -15.93
CA LYS B 217 14.87 -19.62 -15.82
C LYS B 217 14.78 -20.48 -17.07
N GLY C 1 -3.88 61.47 -1.90
CA GLY C 1 -3.00 60.87 -0.92
C GLY C 1 -2.15 59.74 -1.51
N ILE C 2 -1.07 59.39 -0.81
CA ILE C 2 -0.16 58.31 -1.28
C ILE C 2 -0.95 56.99 -1.27
N VAL C 3 -0.90 56.23 -2.36
CA VAL C 3 -1.60 54.91 -2.43
C VAL C 3 -0.98 54.00 -1.36
N PRO C 4 -1.76 53.20 -0.62
CA PRO C 4 -1.19 52.35 0.42
C PRO C 4 -0.71 51.01 -0.16
N VAL C 5 0.62 50.87 -0.27
CA VAL C 5 1.27 49.63 -0.81
C VAL C 5 0.97 48.47 0.14
N ALA C 6 1.02 48.73 1.44
CA ALA C 6 0.78 47.70 2.49
C ALA C 6 1.72 46.51 2.29
N CYS C 7 3.00 46.79 2.02
CA CYS C 7 4.04 45.75 1.78
C CYS C 7 3.93 44.66 2.86
N SER C 8 3.82 43.40 2.42
CA SER C 8 3.69 42.24 3.35
C SER C 8 5.06 41.64 3.69
N ASP C 9 5.06 40.74 4.68
CA ASP C 9 6.23 40.03 5.16
C ASP C 9 6.17 38.57 4.73
N GLY C 10 7.19 37.82 5.12
CA GLY C 10 7.29 36.43 4.76
C GLY C 10 8.02 36.15 3.47
N TYR C 11 7.96 37.06 2.50
CA TYR C 11 8.71 36.88 1.26
C TYR C 11 9.20 38.24 0.78
N GLY C 12 10.17 38.19 -0.13
CA GLY C 12 10.80 39.38 -0.72
C GLY C 12 12.30 39.18 -0.86
N GLY C 13 12.82 38.14 -0.19
CA GLY C 13 14.26 37.81 -0.25
C GLY C 13 14.64 37.27 -1.62
N LEU C 14 15.89 37.49 -2.04
CA LEU C 14 16.35 37.01 -3.37
C LEU C 14 16.40 35.48 -3.37
N VAL C 15 15.93 34.87 -4.47
CA VAL C 15 15.95 33.38 -4.65
C VAL C 15 16.78 33.09 -5.90
N THR C 16 17.73 32.15 -5.81
CA THR C 16 18.64 31.85 -6.94
C THR C 16 17.87 31.37 -8.17
N THR C 17 16.87 30.50 -7.99
CA THR C 17 16.11 29.96 -9.15
C THR C 17 14.92 30.85 -9.50
N ASP C 18 14.68 31.91 -8.71
CA ASP C 18 13.53 32.82 -8.94
C ASP C 18 13.65 33.55 -10.28
N PRO C 19 12.56 33.66 -11.06
CA PRO C 19 12.56 34.39 -12.33
C PRO C 19 12.01 35.79 -11.96
N LYS C 20 12.91 36.75 -11.75
CA LYS C 20 12.54 38.07 -11.29
C LYS C 20 13.61 38.62 -12.22
N THR C 21 13.45 39.90 -12.57
CA THR C 21 14.36 40.58 -13.47
C THR C 21 15.31 41.50 -12.71
N ALA C 22 16.39 41.90 -13.37
CA ALA C 22 17.41 42.75 -12.69
C ALA C 22 17.34 44.27 -12.88
N ASP C 23 18.23 44.99 -12.18
CA ASP C 23 18.31 46.46 -12.24
C ASP C 23 19.38 46.94 -13.24
N PRO C 24 19.09 47.92 -14.12
CA PRO C 24 20.08 48.36 -15.11
C PRO C 24 21.02 49.42 -14.51
N ALA C 25 22.12 48.95 -13.91
CA ALA C 25 23.12 49.84 -13.28
C ALA C 25 23.81 50.70 -14.36
N TYR C 26 24.12 50.11 -15.51
CA TYR C 26 24.84 50.86 -16.58
C TYR C 26 23.89 51.28 -17.72
N GLY C 27 24.41 52.14 -18.60
CA GLY C 27 23.70 52.70 -19.77
C GLY C 27 23.68 51.79 -21.00
N MET C 28 23.00 52.23 -22.06
CA MET C 28 22.87 51.40 -23.25
C MET C 28 24.24 51.07 -23.83
N VAL C 29 24.48 49.80 -24.06
CA VAL C 29 25.68 49.33 -24.74
C VAL C 29 25.24 48.57 -25.99
N TYR C 30 26.15 48.50 -26.96
CA TYR C 30 25.88 47.81 -28.22
C TYR C 30 27.08 46.87 -28.10
N ASN C 31 26.80 45.58 -28.14
CA ASN C 31 27.84 44.57 -28.04
C ASN C 31 28.07 44.26 -29.52
N PRO C 32 29.27 43.80 -29.88
CA PRO C 32 29.57 43.52 -31.28
C PRO C 32 28.64 42.47 -31.84
N PRO C 33 28.34 42.50 -33.13
CA PRO C 33 27.35 41.59 -33.69
C PRO C 33 27.94 40.22 -33.95
N ARG C 34 27.10 39.19 -33.80
CA ARG C 34 27.45 37.87 -34.22
C ARG C 34 26.17 37.44 -34.97
N THR C 35 26.32 37.31 -36.28
CA THR C 35 25.20 36.95 -37.13
C THR C 35 25.48 35.47 -37.50
N ASN C 36 24.51 34.60 -37.24
CA ASN C 36 24.61 33.16 -37.47
C ASN C 36 25.96 32.55 -37.07
N TYR C 37 26.46 32.97 -35.93
CA TYR C 37 27.69 32.41 -35.39
C TYR C 37 27.69 30.89 -35.51
N PRO C 38 28.73 30.30 -36.07
CA PRO C 38 28.69 28.87 -36.34
C PRO C 38 28.84 28.06 -35.06
N GLY C 39 27.96 27.08 -34.89
CA GLY C 39 28.10 26.13 -33.81
C GLY C 39 27.32 26.46 -32.56
N ARG C 40 26.06 26.88 -32.74
CA ARG C 40 25.19 27.16 -31.62
C ARG C 40 24.54 25.87 -31.14
N PHE C 41 24.13 25.86 -29.87
CA PHE C 41 23.29 24.78 -29.36
C PHE C 41 22.45 25.35 -28.22
N THR C 42 21.13 25.21 -28.32
CA THR C 42 20.21 25.80 -27.32
C THR C 42 19.76 24.76 -26.30
N ASN C 43 19.78 23.47 -26.65
CA ASN C 43 19.35 22.40 -25.71
C ASN C 43 20.51 21.45 -25.45
N LEU C 44 20.84 21.22 -24.17
CA LEU C 44 21.93 20.28 -23.81
C LEU C 44 21.56 18.87 -24.28
N LEU C 45 20.28 18.51 -24.11
CA LEU C 45 19.76 17.18 -24.54
C LEU C 45 19.91 17.03 -26.05
N ASP C 46 19.66 18.10 -26.80
CA ASP C 46 19.76 18.07 -28.29
C ASP C 46 21.20 17.74 -28.70
N VAL C 47 22.18 18.33 -28.00
CA VAL C 47 23.62 18.07 -28.33
C VAL C 47 23.90 16.57 -28.11
N ALA C 48 23.37 16.00 -27.03
CA ALA C 48 23.57 14.57 -26.71
C ALA C 48 22.89 13.71 -27.77
N GLU C 49 21.69 14.12 -28.21
CA GLU C 49 20.90 13.38 -29.18
C GLU C 49 21.58 13.27 -30.54
N ALA C 50 22.39 14.25 -30.90
CA ALA C 50 23.00 14.29 -32.24
C ALA C 50 24.38 13.66 -32.29
N CYS C 51 25.16 13.75 -31.22
CA CYS C 51 26.51 13.21 -31.22
C CYS C 51 26.67 12.19 -30.11
N PRO C 52 26.66 10.89 -30.43
CA PRO C 52 26.81 9.89 -29.39
C PRO C 52 28.23 9.84 -28.86
N THR C 53 28.37 9.37 -27.62
CA THR C 53 29.70 9.25 -26.96
C THR C 53 29.95 7.81 -26.53
N PHE C 54 31.20 7.47 -26.18
CA PHE C 54 31.55 6.08 -25.78
C PHE C 54 31.17 5.82 -24.32
N LEU C 55 31.23 4.56 -23.90
CA LEU C 55 30.89 4.15 -22.52
C LEU C 55 32.13 3.52 -21.86
N CYS C 56 32.47 3.97 -20.66
CA CYS C 56 33.64 3.41 -19.92
C CYS C 56 33.36 1.94 -19.59
N PHE C 57 34.39 1.09 -19.72
CA PHE C 57 34.30 -0.36 -19.43
C PHE C 57 35.50 -0.78 -18.60
N ASP C 58 35.51 -2.02 -18.11
CA ASP C 58 36.64 -2.52 -17.28
C ASP C 58 37.94 -2.39 -18.10
N ASP C 59 39.00 -1.91 -17.43
CA ASP C 59 40.36 -1.64 -17.98
C ASP C 59 40.35 -0.38 -18.85
N GLY C 60 39.33 0.48 -18.67
CA GLY C 60 39.20 1.77 -19.37
C GLY C 60 39.25 1.66 -20.88
N LYS C 61 38.59 0.66 -21.47
CA LYS C 61 38.57 0.53 -22.95
C LYS C 61 37.11 0.50 -23.43
N PRO C 62 36.67 1.39 -24.34
CA PRO C 62 35.28 1.41 -24.81
C PRO C 62 34.83 0.15 -25.58
N TYR C 63 35.72 -0.37 -26.43
CA TYR C 63 35.41 -1.57 -27.26
C TYR C 63 35.36 -2.84 -26.41
N VAL C 64 34.29 -3.64 -26.55
CA VAL C 64 34.17 -4.93 -25.82
C VAL C 64 34.85 -5.98 -26.70
N VAL C 65 35.93 -6.60 -26.19
CA VAL C 65 36.67 -7.64 -26.97
C VAL C 65 36.04 -8.99 -26.68
N THR C 66 35.95 -9.86 -27.68
CA THR C 66 35.37 -11.23 -27.51
C THR C 66 36.04 -11.91 -26.31
N ARG C 67 35.24 -12.32 -25.32
CA ARG C 67 35.75 -12.99 -24.10
C ARG C 67 36.73 -14.11 -24.49
N ALA C 68 37.93 -14.10 -23.90
CA ALA C 68 38.95 -15.13 -24.18
C ALA C 68 38.37 -16.51 -23.89
N ASP C 69 37.74 -16.67 -22.73
CA ASP C 69 37.12 -17.97 -22.32
C ASP C 69 35.76 -18.11 -23.00
N GLU C 70 35.22 -19.33 -23.03
CA GLU C 70 33.89 -19.59 -23.66
C GLU C 70 33.07 -18.71 -22.72
N GLN C 71 32.36 -17.72 -23.29
CA GLN C 71 31.52 -16.79 -22.49
C GLN C 71 30.58 -16.17 -23.53
N ARG C 72 29.44 -15.63 -23.09
CA ARG C 72 28.46 -15.00 -24.02
C ARG C 72 28.06 -13.62 -23.48
N LEU C 73 28.24 -13.40 -22.18
CA LEU C 73 27.89 -12.08 -21.57
C LEU C 73 29.10 -11.17 -21.64
N LEU C 74 29.29 -10.49 -22.78
CA LEU C 74 30.43 -9.60 -22.97
C LEU C 74 30.45 -8.50 -21.92
N ALA C 75 29.32 -7.84 -21.70
CA ALA C 75 29.28 -6.75 -20.75
C ALA C 75 27.84 -6.48 -20.34
N LYS C 76 27.61 -6.43 -19.04
CA LYS C 76 26.33 -6.03 -18.47
C LYS C 76 26.55 -4.75 -17.68
N PHE C 77 25.47 -3.99 -17.51
CA PHE C 77 25.55 -2.77 -16.72
C PHE C 77 24.15 -2.29 -16.40
N ASP C 78 24.02 -1.68 -15.23
CA ASP C 78 22.73 -1.11 -14.83
C ASP C 78 22.35 0.03 -15.77
N LEU C 79 21.05 0.31 -15.86
CA LEU C 79 20.56 1.37 -16.79
C LEU C 79 20.57 2.73 -16.09
N SER C 80 20.90 2.78 -14.80
CA SER C 80 20.93 4.07 -14.07
C SER C 80 22.01 4.98 -14.68
N LEU C 81 21.69 6.26 -14.87
CA LEU C 81 22.64 7.22 -15.47
C LEU C 81 23.97 7.05 -14.71
N ALA C 82 23.88 6.79 -13.40
CA ALA C 82 25.09 6.57 -12.61
C ALA C 82 25.26 5.07 -12.74
N ALA C 83 26.02 4.63 -13.75
CA ALA C 83 26.22 3.21 -13.98
C ALA C 83 27.72 3.41 -14.20
N LYS C 84 28.50 2.46 -13.68
CA LYS C 84 29.95 2.55 -13.84
C LYS C 84 30.34 2.61 -15.31
N HIS C 85 29.67 1.82 -16.15
CA HIS C 85 29.98 1.80 -17.58
C HIS C 85 29.64 3.09 -18.28
N MET C 86 28.77 3.92 -17.71
CA MET C 86 28.42 5.21 -18.30
C MET C 86 29.00 6.37 -17.50
N SER C 87 29.97 6.11 -16.64
CA SER C 87 30.49 7.17 -15.78
C SER C 87 31.14 8.27 -16.55
N ASN C 88 31.54 8.08 -17.80
CA ASN C 88 32.20 9.13 -18.55
C ASN C 88 31.50 9.66 -19.78
N THR C 89 30.38 9.06 -20.19
CA THR C 89 29.68 9.55 -21.36
C THR C 89 29.02 10.89 -21.07
N TYR C 90 28.78 11.64 -22.15
CA TYR C 90 28.18 12.96 -22.01
C TYR C 90 26.76 12.87 -21.47
N LEU C 91 26.06 11.78 -21.78
CA LEU C 91 24.70 11.64 -21.29
C LEU C 91 24.66 11.60 -19.77
N SER C 92 25.50 10.77 -19.16
CA SER C 92 25.57 10.76 -17.70
C SER C 92 26.17 12.05 -17.19
N GLY C 93 27.14 12.62 -17.92
CA GLY C 93 27.71 13.89 -17.52
C GLY C 93 26.66 14.97 -17.38
N ILE C 94 25.61 14.91 -18.18
CA ILE C 94 24.57 15.92 -18.08
C ILE C 94 23.42 15.48 -17.17
N ALA C 95 23.19 14.18 -17.04
CA ALA C 95 22.12 13.72 -16.15
C ALA C 95 22.52 13.82 -14.70
N GLN C 96 23.82 13.86 -14.41
CA GLN C 96 24.27 14.05 -13.03
C GLN C 96 23.71 15.34 -12.46
N TYR C 97 23.57 16.36 -13.29
CA TYR C 97 23.10 17.66 -12.86
C TYR C 97 21.59 17.81 -12.94
N TYR C 98 20.87 16.71 -13.11
CA TYR C 98 19.42 16.73 -13.13
C TYR C 98 18.90 15.66 -12.19
N ALA C 99 17.72 15.90 -11.63
CA ALA C 99 17.17 14.98 -10.64
C ALA C 99 16.68 13.70 -11.30
N GLN C 100 15.84 13.83 -12.32
CA GLN C 100 15.12 12.68 -12.85
C GLN C 100 14.86 12.86 -14.34
N TYR C 101 15.02 11.76 -15.09
CA TYR C 101 14.94 11.75 -16.53
C TYR C 101 13.92 10.73 -17.02
N SER C 102 13.44 10.96 -18.24
CA SER C 102 12.50 10.06 -18.91
C SER C 102 12.85 9.77 -20.36
N GLY C 103 12.18 8.78 -20.92
CA GLY C 103 12.30 8.48 -22.34
C GLY C 103 13.39 7.49 -22.65
N THR C 104 13.46 7.14 -23.93
CA THR C 104 14.38 6.11 -24.40
C THR C 104 15.82 6.56 -24.25
N ILE C 105 16.74 5.61 -24.42
CA ILE C 105 18.17 5.87 -24.39
C ILE C 105 18.84 5.10 -25.51
N ASN C 106 19.17 5.78 -26.59
CA ASN C 106 19.75 5.11 -27.75
C ASN C 106 21.14 4.60 -27.42
N LEU C 107 21.50 3.48 -28.05
CA LEU C 107 22.87 2.99 -28.06
C LEU C 107 23.40 2.95 -29.49
N HIS C 108 24.70 2.70 -29.61
CA HIS C 108 25.33 2.71 -30.92
C HIS C 108 26.28 1.53 -30.67
N PHE C 109 26.25 0.55 -31.57
CA PHE C 109 27.23 -0.51 -31.56
C PHE C 109 27.74 -0.38 -32.99
N MET C 110 29.06 -0.37 -33.15
CA MET C 110 29.66 -0.33 -34.47
C MET C 110 30.84 -1.28 -34.50
N PHE C 111 30.71 -2.37 -35.24
CA PHE C 111 31.79 -3.34 -35.35
C PHE C 111 32.98 -2.71 -36.03
N THR C 112 34.13 -2.75 -35.36
CA THR C 112 35.38 -2.23 -35.90
C THR C 112 36.32 -3.43 -35.92
N GLY C 113 36.39 -4.10 -37.07
CA GLY C 113 37.26 -5.28 -37.22
C GLY C 113 37.64 -5.49 -38.68
N SER C 114 38.39 -6.56 -38.95
CA SER C 114 38.83 -6.87 -40.34
C SER C 114 37.64 -7.37 -41.16
N THR C 115 37.71 -7.21 -42.48
CA THR C 115 36.60 -7.63 -43.39
C THR C 115 36.39 -9.15 -43.29
N ASP C 116 37.47 -9.92 -43.15
CA ASP C 116 37.36 -11.40 -43.05
C ASP C 116 36.57 -11.81 -41.80
N SER C 117 36.72 -11.03 -40.71
CA SER C 117 36.03 -11.34 -39.43
C SER C 117 34.54 -10.98 -39.50
N LYS C 118 33.67 -11.93 -39.15
CA LYS C 118 32.21 -11.68 -39.14
C LYS C 118 31.66 -12.09 -37.77
N ALA C 119 30.82 -11.25 -37.16
CA ALA C 119 30.26 -11.57 -35.83
C ALA C 119 28.74 -11.34 -35.82
N ARG C 120 28.07 -11.86 -34.80
CA ARG C 120 26.62 -11.73 -34.63
C ARG C 120 26.73 -11.28 -33.18
N TYR C 121 25.99 -10.25 -32.82
CA TYR C 121 26.04 -9.71 -31.47
C TYR C 121 24.55 -9.65 -31.17
N MET C 122 24.23 -9.41 -29.90
CA MET C 122 22.83 -9.38 -29.47
C MET C 122 22.75 -8.56 -28.19
N VAL C 123 21.97 -7.49 -28.22
CA VAL C 123 21.69 -6.69 -27.04
C VAL C 123 20.32 -7.11 -26.51
N ALA C 124 20.21 -7.31 -25.19
CA ALA C 124 18.92 -7.74 -24.63
C ALA C 124 18.57 -6.95 -23.37
N TYR C 125 17.67 -5.97 -23.49
CA TYR C 125 17.23 -5.18 -22.33
C TYR C 125 16.48 -6.12 -21.38
N VAL C 126 16.74 -6.02 -20.08
CA VAL C 126 16.06 -6.90 -19.08
C VAL C 126 15.32 -6.04 -18.07
N PRO C 127 14.03 -6.32 -17.79
CA PRO C 127 13.26 -5.56 -16.79
C PRO C 127 13.77 -5.90 -15.38
N PRO C 128 13.60 -5.03 -14.36
CA PRO C 128 14.14 -5.31 -13.03
C PRO C 128 13.25 -6.23 -12.18
N GLY C 129 13.09 -7.48 -12.63
CA GLY C 129 12.33 -8.52 -11.90
C GLY C 129 13.25 -9.66 -11.50
N VAL C 130 14.50 -9.61 -11.96
CA VAL C 130 15.53 -10.66 -11.67
C VAL C 130 16.71 -9.98 -10.98
N THR C 131 17.19 -10.54 -9.87
CA THR C 131 18.32 -9.95 -9.11
C THR C 131 19.58 -9.90 -9.98
N THR C 132 19.87 -10.98 -10.72
CA THR C 132 21.09 -11.02 -11.57
C THR C 132 20.72 -11.37 -13.02
N PRO C 133 21.22 -10.62 -14.03
CA PRO C 133 20.93 -10.93 -15.43
C PRO C 133 21.56 -12.28 -15.77
N PRO C 134 20.90 -13.15 -16.56
CA PRO C 134 21.45 -14.48 -16.90
C PRO C 134 22.61 -14.40 -17.89
N ASP C 135 23.69 -15.16 -17.65
CA ASP C 135 24.86 -15.17 -18.55
C ASP C 135 24.50 -15.84 -19.89
N THR C 136 23.67 -16.90 -19.84
CA THR C 136 23.28 -17.65 -21.06
C THR C 136 22.45 -16.77 -22.00
N PRO C 137 22.78 -16.67 -23.30
CA PRO C 137 22.02 -15.85 -24.25
C PRO C 137 20.58 -16.35 -24.41
N GLU C 138 20.41 -17.68 -24.46
CA GLU C 138 19.04 -18.28 -24.61
C GLU C 138 18.17 -17.93 -23.41
N ARG C 139 18.77 -17.88 -22.20
CA ARG C 139 18.01 -17.55 -20.97
C ARG C 139 17.42 -16.15 -21.10
N ALA C 140 18.19 -15.20 -21.64
CA ALA C 140 17.72 -13.81 -21.81
C ALA C 140 17.07 -13.62 -23.18
N ALA C 141 17.06 -14.67 -24.01
CA ALA C 141 16.49 -14.59 -25.38
C ALA C 141 14.99 -14.31 -25.34
N HIS C 142 14.34 -14.55 -24.19
CA HIS C 142 12.87 -14.32 -24.05
C HIS C 142 12.56 -12.82 -23.95
N CYS C 143 13.38 -12.06 -23.23
CA CYS C 143 13.18 -10.59 -23.08
C CYS C 143 13.49 -9.86 -24.38
N ILE C 144 12.93 -8.64 -24.56
CA ILE C 144 13.14 -7.91 -25.84
C ILE C 144 14.63 -7.73 -26.08
N HIS C 145 15.08 -8.06 -27.30
CA HIS C 145 16.52 -7.98 -27.67
C HIS C 145 16.64 -7.86 -29.19
N ALA C 146 17.79 -7.38 -29.68
CA ALA C 146 18.02 -7.24 -31.13
C ALA C 146 19.24 -8.07 -31.54
N GLU C 147 19.10 -8.89 -32.58
CA GLU C 147 20.22 -9.74 -33.08
C GLU C 147 20.63 -9.18 -34.45
N TRP C 148 21.93 -8.90 -34.66
CA TRP C 148 22.37 -8.33 -35.96
C TRP C 148 23.78 -8.82 -36.32
N ASP C 149 23.95 -9.29 -37.57
CA ASP C 149 25.24 -9.72 -38.07
C ASP C 149 26.08 -8.50 -38.41
N THR C 150 27.39 -8.67 -38.45
CA THR C 150 28.25 -7.60 -38.96
C THR C 150 28.52 -7.83 -40.43
N GLY C 151 28.27 -6.81 -41.24
CA GLY C 151 28.50 -6.91 -42.66
C GLY C 151 29.07 -5.64 -43.26
N LEU C 152 28.69 -5.34 -44.50
CA LEU C 152 29.13 -4.10 -45.14
C LEU C 152 28.66 -2.88 -44.35
N ASN C 153 27.51 -3.00 -43.69
CA ASN C 153 26.97 -1.92 -42.89
C ASN C 153 27.40 -2.14 -41.44
N SER C 154 28.24 -1.26 -40.92
CA SER C 154 28.90 -1.53 -39.65
C SER C 154 28.21 -1.13 -38.35
N LYS C 155 27.48 -0.04 -38.35
CA LYS C 155 26.92 0.52 -37.13
C LYS C 155 25.59 -0.18 -36.98
N PHE C 156 25.06 -0.17 -35.75
CA PHE C 156 23.70 -0.62 -35.51
C PHE C 156 23.23 0.00 -34.21
N THR C 157 22.19 0.83 -34.28
CA THR C 157 21.62 1.43 -33.09
C THR C 157 20.62 0.48 -32.47
N PHE C 158 20.17 0.83 -31.26
CA PHE C 158 19.13 0.07 -30.59
C PHE C 158 18.54 1.11 -29.65
N SER C 159 17.23 1.25 -29.65
CA SER C 159 16.58 2.26 -28.84
C SER C 159 16.15 1.55 -27.56
N ILE C 160 17.01 1.54 -26.56
CA ILE C 160 16.68 0.95 -25.27
C ILE C 160 15.44 1.66 -24.74
N PRO C 161 14.31 0.98 -24.61
CA PRO C 161 13.09 1.66 -24.20
C PRO C 161 13.10 1.93 -22.70
N TYR C 162 12.24 2.84 -22.29
CA TYR C 162 12.08 3.18 -20.89
C TYR C 162 10.69 2.73 -20.46
N VAL C 163 10.64 1.72 -19.61
CA VAL C 163 9.37 1.18 -19.12
C VAL C 163 9.52 0.87 -17.64
N SER C 164 8.69 1.50 -16.82
CA SER C 164 8.71 1.29 -15.38
C SER C 164 7.43 1.85 -14.78
N ALA C 165 7.25 1.60 -13.49
CA ALA C 165 6.05 2.06 -12.80
C ALA C 165 5.96 3.58 -12.80
N ALA C 166 6.94 4.24 -12.18
CA ALA C 166 6.94 5.69 -12.13
C ALA C 166 7.05 6.26 -13.54
N ASP C 167 6.32 7.34 -13.79
CA ASP C 167 6.42 7.99 -15.10
C ASP C 167 7.82 8.54 -15.34
N TYR C 168 8.44 9.09 -14.30
CA TYR C 168 9.82 9.56 -14.36
C TYR C 168 10.65 8.76 -13.39
N ALA C 169 11.82 8.31 -13.85
CA ALA C 169 12.74 7.55 -13.02
C ALA C 169 13.87 8.46 -12.54
N TYR C 170 14.55 8.02 -11.49
CA TYR C 170 15.61 8.81 -10.89
C TYR C 170 16.91 8.61 -11.64
N THR C 171 17.88 9.48 -11.36
CA THR C 171 19.21 9.43 -12.03
C THR C 171 20.22 8.75 -11.10
N ALA C 172 20.68 9.47 -10.07
CA ALA C 172 21.65 8.87 -9.12
C ALA C 172 20.97 7.70 -8.40
N SER C 173 21.66 6.56 -8.33
CA SER C 173 21.09 5.36 -7.65
C SER C 173 20.92 5.66 -6.16
N ASP C 174 19.79 5.24 -5.58
CA ASP C 174 19.54 5.49 -4.13
C ASP C 174 20.60 4.71 -3.33
N VAL C 175 21.15 5.31 -2.28
CA VAL C 175 22.17 4.64 -1.44
C VAL C 175 21.52 3.42 -0.75
N ALA C 176 20.27 3.59 -0.30
CA ALA C 176 19.51 2.54 0.41
C ALA C 176 19.26 1.32 -0.51
N ASP C 177 18.95 1.55 -1.78
CA ASP C 177 18.65 0.43 -2.71
C ASP C 177 19.94 -0.11 -3.34
N THR C 178 20.34 -1.32 -2.95
CA THR C 178 21.59 -1.97 -3.46
C THR C 178 21.48 -2.24 -4.97
N THR C 179 20.37 -2.91 -5.27
CA THR C 179 19.94 -3.41 -6.59
C THR C 179 19.26 -2.33 -7.43
N ASN C 180 19.02 -2.64 -8.69
CA ASN C 180 18.54 -1.53 -9.54
C ASN C 180 17.16 -0.97 -9.38
N VAL C 181 17.11 0.21 -9.95
CA VAL C 181 15.82 0.86 -10.30
C VAL C 181 15.49 0.52 -11.75
N GLN C 182 16.49 0.55 -12.63
CA GLN C 182 16.30 0.26 -14.07
C GLN C 182 16.85 -1.14 -14.38
N GLY C 183 16.15 -1.87 -15.26
CA GLY C 183 16.53 -3.25 -15.66
C GLY C 183 17.93 -3.31 -16.25
N TRP C 184 18.66 -4.39 -15.94
CA TRP C 184 20.03 -4.60 -16.46
C TRP C 184 19.99 -4.77 -17.99
N VAL C 185 21.00 -4.23 -18.66
CA VAL C 185 21.16 -4.30 -20.11
C VAL C 185 22.40 -5.12 -20.39
N CYS C 186 22.27 -6.13 -21.23
CA CYS C 186 23.38 -7.03 -21.53
C CYS C 186 23.71 -7.00 -23.01
N ILE C 187 25.00 -7.17 -23.31
CA ILE C 187 25.52 -7.19 -24.67
C ILE C 187 26.18 -8.55 -24.86
N TYR C 188 25.61 -9.38 -25.71
CA TYR C 188 26.11 -10.73 -25.90
C TYR C 188 26.75 -10.89 -27.26
N GLN C 189 27.60 -11.90 -27.38
CA GLN C 189 28.23 -12.28 -28.64
C GLN C 189 27.81 -13.73 -28.80
N ILE C 190 26.79 -13.96 -29.61
CA ILE C 190 26.25 -15.34 -29.83
C ILE C 190 27.02 -16.31 -30.73
N THR C 191 27.53 -15.85 -31.87
CA THR C 191 28.28 -16.73 -32.80
C THR C 191 29.28 -15.78 -33.45
N HIS C 192 30.58 -16.05 -33.29
CA HIS C 192 31.64 -15.20 -33.90
C HIS C 192 32.62 -16.09 -34.68
N GLY C 193 32.93 -15.72 -35.92
CA GLY C 193 33.90 -16.49 -36.72
C GLY C 193 35.18 -15.71 -36.88
N LYS C 194 36.29 -16.24 -36.35
CA LYS C 194 37.63 -15.58 -36.40
C LYS C 194 37.53 -14.16 -35.79
N ALA C 195 36.82 -14.02 -34.67
CA ALA C 195 36.58 -12.72 -34.00
C ALA C 195 37.49 -12.56 -32.78
N GLU C 196 38.52 -13.40 -32.68
CA GLU C 196 39.48 -13.33 -31.56
C GLU C 196 40.09 -11.93 -31.53
N GLN C 197 40.02 -11.25 -30.38
CA GLN C 197 40.57 -9.87 -30.21
C GLN C 197 39.96 -8.92 -31.25
N ASP C 198 38.62 -8.90 -31.35
CA ASP C 198 37.92 -7.97 -32.27
C ASP C 198 37.20 -6.90 -31.43
N THR C 199 37.43 -5.63 -31.75
CA THR C 199 36.85 -4.50 -30.97
C THR C 199 35.47 -4.11 -31.49
N LEU C 200 34.49 -4.07 -30.58
CA LEU C 200 33.12 -3.65 -30.86
C LEU C 200 33.31 -2.32 -30.14
N VAL C 201 32.71 -1.25 -30.66
CA VAL C 201 32.87 0.08 -30.09
C VAL C 201 31.40 0.35 -29.82
N VAL C 202 31.08 0.69 -28.58
CA VAL C 202 29.71 0.94 -28.15
C VAL C 202 29.58 2.40 -27.77
N SER C 203 28.46 3.01 -28.13
CA SER C 203 28.22 4.42 -27.88
C SER C 203 26.79 4.63 -27.43
N VAL C 204 26.60 5.59 -26.54
CA VAL C 204 25.29 5.88 -25.95
C VAL C 204 24.93 7.32 -26.23
N SER C 205 23.65 7.57 -26.46
CA SER C 205 23.17 8.91 -26.75
C SER C 205 21.68 8.99 -26.45
N ALA C 206 21.18 10.19 -26.29
CA ALA C 206 19.78 10.39 -25.97
C ALA C 206 18.90 10.06 -27.17
N GLY C 207 17.69 9.58 -26.89
CA GLY C 207 16.73 9.23 -27.90
C GLY C 207 15.73 10.35 -28.12
N LYS C 208 14.84 10.11 -29.10
CA LYS C 208 13.85 11.12 -29.43
C LYS C 208 12.98 11.57 -28.27
N ASP C 209 12.73 10.69 -27.30
CA ASP C 209 11.83 10.99 -26.20
C ASP C 209 12.57 11.29 -24.91
N PHE C 210 13.87 11.54 -24.97
CA PHE C 210 14.66 11.78 -23.77
C PHE C 210 14.41 13.19 -23.28
N GLU C 211 14.00 13.32 -22.02
CA GLU C 211 13.79 14.60 -21.39
C GLU C 211 14.19 14.52 -19.93
N LEU C 212 14.88 15.54 -19.46
CA LEU C 212 15.26 15.66 -18.07
C LEU C 212 14.54 16.85 -17.46
N ARG C 213 14.54 16.93 -16.13
CA ARG C 213 13.85 18.02 -15.46
C ARG C 213 14.39 18.17 -14.05
N LEU C 214 13.95 19.23 -13.37
CA LEU C 214 14.34 19.56 -12.01
C LEU C 214 15.83 19.73 -11.73
N PRO C 215 16.53 20.56 -12.50
CA PRO C 215 17.96 20.77 -12.24
C PRO C 215 18.36 21.02 -10.80
N ILE C 216 19.37 20.26 -10.34
CA ILE C 216 19.91 20.42 -8.96
C ILE C 216 21.43 20.46 -9.06
N ASP C 217 22.11 21.01 -8.04
CA ASP C 217 23.60 21.06 -8.10
C ASP C 217 24.17 20.06 -7.10
N PRO C 218 24.83 18.98 -7.57
CA PRO C 218 25.47 17.98 -6.71
C PRO C 218 26.81 18.72 -6.56
N ARG C 219 27.76 18.13 -5.82
CA ARG C 219 29.24 18.21 -5.92
C ARG C 219 29.76 17.11 -6.85
N ALA C 220 29.88 17.43 -8.14
CA ALA C 220 30.34 16.47 -9.14
C ALA C 220 31.82 16.18 -8.99
N SER D 15 -11.18 28.24 -8.15
CA SER D 15 -10.10 27.40 -7.67
C SER D 15 -10.18 27.21 -6.16
N GLY D 16 -9.03 27.34 -5.49
CA GLY D 16 -8.97 27.14 -4.05
C GLY D 16 -9.35 28.39 -3.28
N ASN D 17 -8.50 28.79 -2.34
CA ASN D 17 -8.75 29.96 -1.53
C ASN D 17 -8.25 31.25 -2.15
N THR D 18 -7.72 31.20 -3.37
CA THR D 18 -7.29 32.43 -4.04
C THR D 18 -8.47 33.37 -4.24
N GLY D 19 -8.36 34.57 -3.69
CA GLY D 19 -9.47 35.51 -3.73
C GLY D 19 -9.11 36.85 -4.32
N SER D 20 -7.83 37.06 -4.60
CA SER D 20 -7.38 38.33 -5.16
C SER D 20 -7.90 38.48 -6.58
N ILE D 21 -8.75 39.47 -6.81
CA ILE D 21 -9.32 39.70 -8.14
C ILE D 21 -8.33 40.60 -8.88
N ILE D 22 -7.29 39.95 -9.42
CA ILE D 22 -6.29 40.60 -10.24
C ILE D 22 -5.48 39.51 -10.91
N ASN D 23 -4.93 39.80 -12.08
CA ASN D 23 -4.02 38.85 -12.72
C ASN D 23 -2.83 38.60 -11.81
N ASN D 24 -2.51 37.33 -11.59
CA ASN D 24 -1.35 36.99 -10.79
C ASN D 24 -0.09 37.45 -11.49
N TYR D 25 0.81 38.09 -10.75
CA TYR D 25 1.95 38.75 -11.36
C TYR D 25 3.03 37.93 -12.05
N TYR D 26 3.14 36.65 -11.68
CA TYR D 26 4.12 35.79 -12.32
C TYR D 26 3.19 34.97 -13.20
N MET D 27 3.78 34.38 -14.25
CA MET D 27 3.02 33.51 -15.12
C MET D 27 2.64 32.23 -14.39
N GLN D 28 1.58 31.59 -14.88
CA GLN D 28 1.14 30.33 -14.27
C GLN D 28 2.22 29.27 -14.34
N GLN D 29 3.02 29.28 -15.42
CA GLN D 29 4.07 28.27 -15.58
C GLN D 29 5.06 28.32 -14.44
N TYR D 30 5.32 29.50 -13.89
CA TYR D 30 6.22 29.59 -12.74
C TYR D 30 5.45 29.44 -11.43
N GLN D 31 4.25 29.99 -11.35
CA GLN D 31 3.49 29.97 -10.11
C GLN D 31 3.14 28.54 -9.70
N ASN D 32 2.38 27.85 -10.54
CA ASN D 32 1.94 26.50 -10.24
C ASN D 32 2.67 25.53 -11.15
N SER D 33 2.52 24.24 -10.84
CA SER D 33 3.00 23.17 -11.71
C SER D 33 2.07 22.90 -12.88
N MET D 34 2.56 23.12 -14.10
CA MET D 34 1.76 22.87 -15.28
C MET D 34 1.26 21.43 -15.30
N ASP D 35 0.17 21.21 -16.02
CA ASP D 35 -0.51 19.92 -16.01
C ASP D 35 -0.68 19.45 -17.45
N THR D 36 -0.34 18.19 -17.70
CA THR D 36 -0.46 17.60 -19.02
C THR D 36 -1.65 16.65 -19.05
N GLN D 37 -1.96 16.12 -20.23
CA GLN D 37 -3.19 15.36 -20.41
C GLN D 37 -2.92 14.11 -21.25
N LEU D 38 -3.94 13.28 -21.36
CA LEU D 38 -3.90 12.06 -22.15
C LEU D 38 -5.24 11.91 -22.84
N GLY D 39 -5.29 12.21 -24.14
CA GLY D 39 -6.53 12.12 -24.89
C GLY D 39 -6.93 10.70 -25.21
N ASN D 65 -15.82 13.24 -14.88
CA ASN D 65 -15.05 12.86 -13.71
C ASN D 65 -15.82 13.12 -12.43
N ASP D 66 -15.20 13.33 -11.25
CA ASP D 66 -15.86 13.57 -9.94
C ASP D 66 -16.80 12.44 -9.50
N TRP D 67 -16.32 11.19 -9.60
CA TRP D 67 -17.13 9.99 -9.29
C TRP D 67 -17.92 10.11 -7.98
N PHE D 68 -17.29 10.63 -6.92
CA PHE D 68 -18.02 10.77 -5.63
C PHE D 68 -19.17 11.75 -5.79
N SER D 69 -18.97 12.84 -6.55
CA SER D 69 -20.06 13.81 -6.79
C SER D 69 -21.15 13.13 -7.62
N LYS D 70 -20.77 12.49 -8.73
CA LYS D 70 -21.75 11.80 -9.56
C LYS D 70 -22.57 10.82 -8.74
N LEU D 71 -21.92 10.15 -7.78
CA LEU D 71 -22.62 9.23 -6.89
C LEU D 71 -23.71 9.94 -6.11
N ALA D 72 -23.34 10.99 -5.37
CA ALA D 72 -24.33 11.71 -4.57
C ALA D 72 -25.41 12.33 -5.44
N SER D 73 -25.09 12.66 -6.69
CA SER D 73 -26.11 13.21 -7.58
C SER D 73 -27.10 12.15 -8.02
N SER D 74 -26.62 10.96 -8.35
CA SER D 74 -27.49 9.88 -8.79
C SER D 74 -27.63 9.28 -7.39
N ALA D 75 -28.65 9.68 -6.64
CA ALA D 75 -28.85 9.17 -5.29
C ALA D 75 -30.34 9.05 -5.50
N PHE D 76 -30.87 7.85 -5.33
CA PHE D 76 -32.30 7.61 -5.51
C PHE D 76 -33.08 8.26 -4.38
N THR D 77 -33.94 9.20 -4.72
CA THR D 77 -34.74 9.95 -3.76
C THR D 77 -36.20 9.53 -3.84
N GLY D 78 -37.04 10.12 -2.98
CA GLY D 78 -38.49 9.86 -2.96
C GLY D 78 -38.91 8.53 -2.32
N LEU D 79 -40.21 8.31 -2.21
CA LEU D 79 -40.75 7.04 -1.63
C LEU D 79 -40.56 5.90 -2.63
N PHE D 80 -40.36 4.67 -2.14
CA PHE D 80 -40.20 3.49 -3.01
C PHE D 80 -41.54 2.77 -3.16
N GLY D 81 -42.58 3.30 -2.50
CA GLY D 81 -43.93 2.71 -2.52
C GLY D 81 -45.01 3.77 -2.69
N ALA D 82 -46.23 3.37 -3.03
CA ALA D 82 -47.34 4.34 -3.24
C ALA D 82 -47.54 5.12 -1.93
N LEU D 83 -47.74 6.44 -2.04
CA LEU D 83 -47.93 7.32 -0.86
C LEU D 83 -49.39 7.75 -0.74
N LEU D 84 -49.91 7.78 0.49
CA LEU D 84 -51.29 8.16 0.77
C LEU D 84 -51.36 9.40 1.65
N THR E 17 -10.20 -12.46 50.54
CA THR E 17 -10.33 -12.73 49.12
C THR E 17 -8.96 -12.89 48.45
N LEU E 18 -8.94 -12.83 47.12
CA LEU E 18 -7.72 -12.93 46.34
C LEU E 18 -7.85 -12.09 45.10
N SER E 19 -7.10 -10.97 45.06
CA SER E 19 -7.13 -10.04 43.94
C SER E 19 -5.77 -10.02 43.28
N LEU E 20 -5.65 -10.43 42.01
CA LEU E 20 -4.36 -10.39 41.26
C LEU E 20 -4.62 -9.59 39.97
N THR E 21 -4.77 -8.27 40.14
CA THR E 21 -5.34 -7.36 39.16
C THR E 21 -4.03 -7.00 38.49
N CYS E 22 -3.99 -7.16 37.18
CA CYS E 22 -2.88 -6.69 36.36
C CYS E 22 -3.38 -5.58 35.46
N THR E 23 -2.66 -4.46 35.45
CA THR E 23 -3.08 -3.30 34.68
C THR E 23 -2.60 -3.41 33.25
N VAL E 24 -3.24 -2.67 32.35
CA VAL E 24 -2.91 -2.79 30.93
C VAL E 24 -1.84 -1.77 30.56
N SER E 25 -0.95 -2.16 29.66
CA SER E 25 0.04 -1.25 29.09
C SER E 25 -0.49 -0.70 27.77
N GLY E 26 -0.74 0.61 27.72
CA GLY E 26 -1.34 1.19 26.53
C GLY E 26 -2.66 0.53 26.24
N PHE E 27 -2.91 0.24 24.97
CA PHE E 27 -4.01 -0.63 24.53
C PHE E 27 -5.32 -0.24 25.21
N SER E 28 -5.80 0.96 24.91
CA SER E 28 -6.84 1.69 25.67
C SER E 28 -7.85 0.65 26.18
N LEU E 29 -7.99 0.53 27.50
CA LEU E 29 -8.94 -0.47 28.06
C LEU E 29 -10.35 -0.01 27.66
N SER E 30 -10.44 1.19 27.07
CA SER E 30 -11.72 1.80 26.62
C SER E 30 -12.39 0.97 25.53
N ASP E 31 -11.61 0.44 24.58
CA ASP E 31 -12.21 -0.34 23.45
C ASP E 31 -11.85 -1.84 23.50
N TYR E 32 -11.20 -2.32 24.57
CA TYR E 32 -10.81 -3.76 24.59
C TYR E 32 -11.34 -4.49 25.83
N ALA E 33 -11.92 -5.68 25.61
CA ALA E 33 -12.45 -6.54 26.67
C ALA E 33 -11.31 -7.41 27.21
N VAL E 34 -11.37 -7.80 28.49
CA VAL E 34 -10.30 -8.58 29.10
C VAL E 34 -10.90 -9.77 29.82
N GLY E 35 -10.13 -10.85 29.90
CA GLY E 35 -10.55 -12.03 30.64
C GLY E 35 -9.39 -12.68 31.37
N TRP E 36 -9.67 -13.25 32.55
CA TRP E 36 -8.64 -13.99 33.25
C TRP E 36 -8.89 -15.48 33.12
N VAL E 37 -7.82 -16.26 33.22
CA VAL E 37 -7.88 -17.71 33.04
C VAL E 37 -6.89 -18.36 34.01
N ARG E 38 -7.33 -19.44 34.66
CA ARG E 38 -6.53 -20.15 35.65
C ARG E 38 -5.93 -21.39 35.02
N GLN E 39 -4.62 -21.56 35.16
CA GLN E 39 -3.96 -22.77 34.70
C GLN E 39 -3.61 -23.61 35.92
N ALA E 40 -4.40 -24.65 36.17
CA ALA E 40 -4.23 -25.52 37.32
C ALA E 40 -2.83 -26.11 37.38
N PRO E 41 -2.40 -26.58 38.56
CA PRO E 41 -1.08 -27.19 38.66
C PRO E 41 -0.82 -28.20 37.54
N GLY E 42 0.37 -28.14 36.98
CA GLY E 42 0.67 -28.87 35.75
C GLY E 42 0.16 -28.10 34.54
N LYS E 43 -0.76 -28.71 33.80
CA LYS E 43 -1.41 -28.06 32.66
C LYS E 43 -2.88 -28.48 32.75
N ALA E 44 -3.73 -27.58 33.23
CA ALA E 44 -5.18 -27.77 33.25
C ALA E 44 -5.79 -26.37 33.35
N LEU E 45 -6.67 -26.03 32.41
CA LEU E 45 -7.12 -24.66 32.20
C LEU E 45 -8.62 -24.54 32.44
N GLU E 46 -9.03 -23.37 32.93
CA GLU E 46 -10.44 -23.00 32.95
C GLU E 46 -10.59 -21.48 32.84
N PHE E 47 -11.55 -21.08 32.03
CA PHE E 47 -11.83 -19.67 31.79
C PHE E 47 -12.59 -19.09 32.98
N LEU E 48 -12.01 -18.09 33.61
CA LEU E 48 -12.58 -17.55 34.84
C LEU E 48 -13.71 -16.56 34.63
N GLY E 49 -13.45 -15.49 33.89
CA GLY E 49 -14.45 -14.48 33.63
C GLY E 49 -13.96 -13.43 32.66
N SER E 50 -14.88 -12.75 31.98
CA SER E 50 -14.54 -11.72 31.02
C SER E 50 -15.53 -10.56 31.13
N ILE E 51 -15.03 -9.35 31.00
CA ILE E 51 -15.86 -8.15 31.08
C ILE E 51 -15.85 -7.45 29.74
N SER E 52 -17.03 -7.34 29.12
CA SER E 52 -17.17 -6.60 27.89
C SER E 52 -16.79 -5.15 28.12
N THR E 53 -16.26 -4.51 27.07
CA THR E 53 -15.76 -3.15 27.25
C THR E 53 -16.89 -2.18 27.54
N GLY E 54 -18.12 -2.55 27.20
CA GLY E 54 -19.24 -1.70 27.53
C GLY E 54 -19.66 -1.74 28.97
N GLY E 55 -18.86 -2.37 29.83
CA GLY E 55 -19.20 -2.58 31.21
C GLY E 55 -19.86 -3.91 31.50
N ASN E 56 -20.37 -4.58 30.46
CA ASN E 56 -21.00 -5.88 30.64
C ASN E 56 -19.96 -6.93 31.02
N THR E 57 -20.37 -7.91 31.82
CA THR E 57 -19.47 -8.92 32.33
C THR E 57 -19.94 -10.30 31.89
N GLY E 58 -18.97 -11.18 31.69
CA GLY E 58 -19.26 -12.57 31.39
C GLY E 58 -18.33 -13.52 32.11
N TYR E 59 -18.89 -14.50 32.81
CA TYR E 59 -18.09 -15.45 33.57
C TYR E 59 -18.74 -16.83 33.49
N ASN E 60 -17.95 -17.84 33.84
CA ASN E 60 -18.40 -19.22 33.74
C ASN E 60 -19.69 -19.42 34.52
N PRO E 61 -20.71 -20.06 33.94
CA PRO E 61 -21.91 -20.35 34.72
C PRO E 61 -21.64 -21.21 35.93
N ALA E 62 -20.68 -22.14 35.83
CA ALA E 62 -20.30 -22.93 36.99
C ALA E 62 -19.66 -22.08 38.07
N LEU E 63 -18.89 -21.07 37.69
CA LEU E 63 -18.06 -20.32 38.62
C LEU E 63 -18.66 -18.91 38.74
N LYS E 64 -19.47 -18.70 39.78
CA LYS E 64 -20.24 -17.47 39.91
C LYS E 64 -20.44 -17.18 41.38
N SER E 65 -21.01 -16.01 41.66
CA SER E 65 -21.43 -15.60 43.01
C SER E 65 -20.24 -15.47 43.96
N ARG E 66 -19.03 -15.59 43.42
CA ARG E 66 -17.80 -15.47 44.21
C ARG E 66 -16.81 -14.56 43.51
N LEU E 67 -17.04 -14.26 42.23
CA LEU E 67 -16.13 -13.45 41.42
C LEU E 67 -16.65 -12.03 41.39
N SER E 68 -15.73 -11.07 41.52
CA SER E 68 -16.09 -9.67 41.53
C SER E 68 -15.26 -9.15 40.36
N ILE E 69 -15.92 -8.86 39.24
CA ILE E 69 -15.25 -8.45 38.01
C ILE E 69 -15.75 -7.03 37.79
N THR E 70 -14.83 -6.11 37.51
CA THR E 70 -15.18 -4.75 37.15
C THR E 70 -13.99 -4.11 36.45
N LYS E 71 -14.27 -3.09 35.63
CA LYS E 71 -13.27 -2.42 34.83
C LYS E 71 -13.25 -0.94 35.18
N ASP E 72 -12.21 -0.51 35.89
CA ASP E 72 -11.98 0.91 36.07
C ASP E 72 -11.66 1.12 34.61
N ASN E 73 -12.24 2.16 34.01
CA ASN E 73 -12.08 2.43 32.59
C ASN E 73 -11.11 3.58 32.61
N SER E 74 -11.00 4.30 33.73
CA SER E 74 -10.18 5.49 33.82
C SER E 74 -8.74 5.20 34.21
N LYS E 75 -8.51 4.28 35.14
CA LYS E 75 -7.17 4.01 35.63
C LYS E 75 -6.46 2.90 34.88
N ASN E 76 -7.03 2.41 33.78
CA ASN E 76 -6.44 1.31 33.01
C ASN E 76 -6.14 0.11 33.89
N GLN E 77 -7.02 -0.15 34.85
CA GLN E 77 -6.85 -1.24 35.78
C GLN E 77 -8.12 -2.08 35.79
N VAL E 78 -7.96 -3.39 35.69
CA VAL E 78 -9.08 -4.32 35.70
C VAL E 78 -9.13 -5.00 37.05
N SER E 79 -10.34 -5.13 37.59
CA SER E 79 -10.48 -5.61 38.96
C SER E 79 -11.23 -6.93 39.01
N LEU E 80 -10.60 -7.93 39.64
CA LEU E 80 -11.25 -9.20 39.93
C LEU E 80 -10.76 -9.72 41.28
N SER E 81 -11.65 -10.37 42.01
CA SER E 81 -11.32 -10.95 43.31
C SER E 81 -12.12 -12.23 43.46
N LEU E 82 -11.56 -13.18 44.21
CA LEU E 82 -12.22 -14.44 44.45
C LEU E 82 -12.46 -14.59 45.94
N SER E 83 -13.68 -14.99 46.29
CA SER E 83 -14.01 -15.31 47.67
C SER E 83 -14.16 -16.82 47.81
N SER E 84 -14.08 -17.29 49.04
CA SER E 84 -14.00 -18.72 49.35
C SER E 84 -12.83 -19.37 48.61
N VAL E 85 -11.73 -18.62 48.49
CA VAL E 85 -10.55 -19.14 47.79
C VAL E 85 -10.24 -20.32 48.71
N THR E 86 -9.82 -21.43 48.11
CA THR E 86 -9.48 -22.61 48.86
C THR E 86 -8.14 -23.01 48.18
N THR E 87 -7.45 -23.96 48.80
CA THR E 87 -6.22 -24.46 48.22
C THR E 87 -6.37 -25.12 46.86
N GLU E 88 -7.49 -25.83 46.66
CA GLU E 88 -7.74 -26.45 45.37
C GLU E 88 -7.90 -25.40 44.28
N ASP E 89 -8.47 -24.25 44.60
CA ASP E 89 -8.48 -23.13 43.68
C ASP E 89 -7.08 -22.55 43.80
N THR E 90 -6.21 -22.87 42.85
CA THR E 90 -4.83 -22.37 42.89
C THR E 90 -4.31 -22.61 41.48
N ALA E 91 -3.57 -21.66 40.94
CA ALA E 91 -3.13 -21.71 39.56
C ALA E 91 -2.13 -20.60 39.31
N THR E 92 -1.57 -20.61 38.11
CA THR E 92 -0.71 -19.52 37.65
C THR E 92 -1.59 -18.56 36.86
N TYR E 93 -2.29 -17.68 37.58
CA TYR E 93 -3.32 -16.88 36.95
C TYR E 93 -2.74 -15.93 35.91
N TYR E 94 -3.44 -15.79 34.80
CA TYR E 94 -3.08 -14.87 33.74
C TYR E 94 -4.17 -13.84 33.55
N CYS E 95 -3.88 -12.86 32.70
CA CYS E 95 -4.86 -11.89 32.23
C CYS E 95 -4.49 -11.56 30.80
N THR E 96 -5.45 -11.66 29.88
CA THR E 96 -5.13 -11.44 28.48
C THR E 96 -6.22 -10.65 27.81
N LYS E 97 -5.79 -9.75 26.93
CA LYS E 97 -6.67 -8.81 26.25
C LYS E 97 -7.31 -9.45 25.05
N SER E 98 -8.63 -9.52 25.04
CA SER E 98 -9.34 -10.04 23.87
C SER E 98 -9.33 -9.06 22.72
N ILE E 99 -9.53 -9.60 21.51
CA ILE E 99 -9.51 -8.78 20.27
C ILE E 99 -10.92 -8.27 19.95
N HIS E 100 -11.89 -8.62 20.80
CA HIS E 100 -13.30 -8.18 20.57
C HIS E 100 -13.76 -7.32 21.75
N SER E 101 -14.38 -6.17 21.44
CA SER E 101 -14.88 -5.25 22.51
C SER E 101 -15.94 -5.97 23.34
N TYR E 102 -16.82 -6.73 22.67
CA TYR E 102 -17.89 -7.49 23.37
C TYR E 102 -17.94 -8.92 22.82
N SER E 103 -18.49 -9.84 23.61
CA SER E 103 -18.60 -11.26 23.21
C SER E 103 -20.09 -11.60 23.00
N VAL E 104 -20.41 -12.24 21.88
CA VAL E 104 -21.85 -12.59 21.57
C VAL E 104 -22.36 -13.52 22.67
N PHE E 105 -21.55 -14.50 23.09
CA PHE E 105 -21.97 -15.43 24.16
C PHE E 105 -21.03 -15.27 25.37
N GLU E 106 -21.43 -15.81 26.52
CA GLU E 106 -20.62 -15.72 27.73
C GLU E 106 -19.49 -16.74 27.71
N TYR E 107 -19.60 -17.77 26.88
CA TYR E 107 -18.59 -18.82 26.89
C TYR E 107 -17.65 -18.75 25.69
N THR E 108 -18.04 -18.11 24.59
CA THR E 108 -17.20 -18.14 23.41
C THR E 108 -15.95 -17.29 23.54
N TYR E 109 -15.78 -16.60 24.66
CA TYR E 109 -14.69 -15.62 24.78
C TYR E 109 -13.33 -16.25 24.55
N MET E 110 -13.15 -17.49 25.01
CA MET E 110 -11.81 -18.09 25.06
C MET E 110 -11.18 -18.13 23.68
N GLN E 111 -11.99 -18.16 22.63
CA GLN E 111 -11.48 -18.42 21.29
C GLN E 111 -10.51 -17.34 20.85
N TYR E 112 -10.78 -16.09 21.23
CA TYR E 112 -9.99 -14.96 20.78
C TYR E 112 -9.07 -14.53 21.91
N VAL E 113 -7.81 -14.96 21.82
CA VAL E 113 -6.79 -14.78 22.86
C VAL E 113 -7.37 -14.74 24.26
N ALA F 4 -12.07 -32.06 30.15
CA ALA F 4 -13.40 -32.07 29.56
C ALA F 4 -13.42 -32.75 28.20
N VAL F 5 -14.46 -32.45 27.41
CA VAL F 5 -14.78 -33.24 26.23
C VAL F 5 -13.79 -33.07 25.08
N LEU F 6 -13.12 -31.93 24.96
CA LEU F 6 -12.27 -31.71 23.81
C LEU F 6 -11.00 -32.53 23.92
N THR F 7 -10.84 -33.50 23.02
CA THR F 7 -9.78 -34.50 23.11
C THR F 7 -8.71 -34.23 22.07
N GLN F 8 -7.46 -34.32 22.47
CA GLN F 8 -6.30 -34.19 21.61
C GLN F 8 -5.32 -35.29 21.95
N PRO F 9 -4.43 -35.66 21.03
CA PRO F 9 -3.39 -36.62 21.38
C PRO F 9 -2.53 -35.96 22.45
N SER F 10 -2.49 -36.59 23.62
CA SER F 10 -1.82 -36.00 24.77
C SER F 10 -0.32 -35.98 24.51
N SER F 11 0.14 -36.81 23.58
CA SER F 11 1.53 -36.84 23.15
C SER F 11 1.56 -36.64 21.65
N VAL F 12 2.64 -36.05 21.15
CA VAL F 12 2.82 -35.83 19.72
C VAL F 12 4.31 -35.96 19.41
N SER F 13 4.63 -36.71 18.36
CA SER F 13 6.01 -36.88 17.94
C SER F 13 6.28 -36.10 16.66
N GLY F 14 7.34 -35.30 16.68
CA GLY F 14 7.74 -34.55 15.50
C GLY F 14 9.22 -34.28 15.46
N SER F 15 9.74 -33.89 14.30
CA SER F 15 11.16 -33.58 14.21
C SER F 15 11.36 -32.35 13.34
N LEU F 16 12.56 -31.79 13.43
CA LEU F 16 12.95 -30.63 12.63
C LEU F 16 13.28 -31.10 11.22
N GLY F 17 12.63 -30.50 10.23
CA GLY F 17 12.87 -30.85 8.86
C GLY F 17 11.61 -31.10 8.05
N GLN F 18 10.57 -31.59 8.73
CA GLN F 18 9.30 -31.88 8.10
C GLN F 18 8.17 -31.23 8.90
N ARG F 19 7.00 -31.14 8.28
CA ARG F 19 5.86 -30.55 8.95
C ARG F 19 5.20 -31.55 9.89
N VAL F 20 4.81 -31.07 11.07
CA VAL F 20 4.14 -31.87 12.07
C VAL F 20 2.80 -31.21 12.35
N SER F 21 1.78 -32.03 12.59
CA SER F 21 0.44 -31.52 12.86
C SER F 21 -0.02 -31.92 14.25
N ILE F 22 -1.15 -31.34 14.65
CA ILE F 22 -1.79 -31.64 15.93
C ILE F 22 -3.28 -31.68 15.71
N THR F 23 -3.89 -32.85 15.95
CA THR F 23 -5.32 -32.98 15.72
C THR F 23 -6.09 -32.66 16.99
N CYS F 24 -7.24 -32.02 16.82
CA CYS F 24 -8.13 -31.68 17.91
C CYS F 24 -9.54 -32.03 17.49
N SER F 25 -10.14 -32.98 18.20
CA SER F 25 -11.40 -33.58 17.76
C SER F 25 -12.51 -33.32 18.75
N GLY F 26 -13.66 -32.90 18.23
CA GLY F 26 -14.85 -32.73 19.03
C GLY F 26 -16.01 -32.76 18.06
N SER F 27 -17.20 -32.64 18.43
CA SER F 27 -18.31 -32.67 17.49
C SER F 27 -18.99 -31.38 17.04
N SER F 28 -20.15 -31.55 16.41
CA SER F 28 -20.91 -30.40 15.94
C SER F 28 -21.36 -29.49 17.07
N ASN F 29 -21.32 -29.99 18.31
CA ASN F 29 -21.56 -29.10 19.44
C ASN F 29 -20.41 -28.12 19.60
N ASN F 30 -19.21 -28.62 19.86
CA ASN F 30 -18.08 -27.77 20.19
C ASN F 30 -17.42 -27.18 18.96
N ILE F 31 -16.91 -27.97 18.04
CA ILE F 31 -16.05 -27.45 16.98
C ILE F 31 -16.86 -27.27 15.72
N GLY F 32 -17.94 -28.03 15.54
CA GLY F 32 -18.65 -28.02 14.28
C GLY F 32 -19.09 -26.63 13.85
N ARG F 33 -19.30 -25.73 14.81
CA ARG F 33 -19.78 -24.41 14.44
C ARG F 33 -19.30 -23.43 15.51
N TYR F 34 -18.05 -23.53 15.92
CA TYR F 34 -17.49 -22.59 16.87
C TYR F 34 -16.01 -22.62 16.53
N ASP F 35 -15.39 -21.44 16.63
CA ASP F 35 -13.94 -21.25 16.38
C ASP F 35 -13.16 -21.58 17.66
N VAL F 36 -12.21 -22.53 17.52
CA VAL F 36 -11.28 -23.00 18.59
C VAL F 36 -10.06 -22.07 18.64
N GLY F 37 -9.21 -22.21 19.66
CA GLY F 37 -8.00 -21.36 19.77
C GLY F 37 -6.77 -22.16 20.18
N TRP F 38 -5.67 -22.03 19.43
CA TRP F 38 -4.44 -22.72 19.75
C TRP F 38 -3.51 -21.80 20.52
N TYR F 39 -3.18 -22.21 21.74
CA TYR F 39 -2.22 -21.49 22.56
C TYR F 39 -0.94 -22.30 22.65
N GLN F 40 0.14 -21.63 23.04
CA GLN F 40 1.42 -22.30 23.25
C GLN F 40 1.85 -22.06 24.69
N GLN F 41 2.56 -23.03 25.25
CA GLN F 41 3.21 -22.86 26.53
C GLN F 41 4.51 -23.65 26.54
N ILE F 42 5.61 -22.94 26.76
CA ILE F 42 6.88 -23.61 27.01
C ILE F 42 6.82 -24.09 28.45
N PRO F 43 7.74 -24.95 28.90
CA PRO F 43 7.71 -25.38 30.31
C PRO F 43 7.61 -24.23 31.31
N GLY F 44 8.09 -23.04 30.95
CA GLY F 44 8.09 -21.94 31.89
C GLY F 44 6.68 -21.46 32.24
N SER F 45 6.02 -20.77 31.31
CA SER F 45 4.67 -20.24 31.53
C SER F 45 4.15 -19.49 30.30
N GLY F 46 2.89 -19.05 30.38
CA GLY F 46 2.32 -18.19 29.35
C GLY F 46 1.19 -18.77 28.52
N LEU F 47 0.47 -17.90 27.81
CA LEU F 47 -0.46 -18.35 26.79
C LEU F 47 0.02 -17.39 25.70
N ARG F 48 0.98 -17.79 24.88
CA ARG F 48 1.36 -16.96 23.75
C ARG F 48 0.61 -17.77 22.71
N THR F 49 -0.33 -17.13 22.03
CA THR F 49 -1.30 -17.82 21.20
C THR F 49 -0.66 -18.16 19.86
N ILE F 50 -0.60 -19.45 19.55
CA ILE F 50 -0.19 -19.85 18.21
C ILE F 50 -1.26 -19.50 17.20
N ILE F 51 -2.50 -19.89 17.47
CA ILE F 51 -3.62 -19.65 16.57
C ILE F 51 -4.83 -19.22 17.38
N TYR F 52 -5.32 -18.02 17.11
CA TYR F 52 -6.57 -17.52 17.66
C TYR F 52 -7.58 -17.47 16.53
N ALA F 53 -8.86 -17.52 16.88
CA ALA F 53 -9.97 -17.51 15.94
C ALA F 53 -9.86 -18.64 14.92
N SER F 54 -9.00 -19.62 15.15
CA SER F 54 -8.86 -20.86 14.41
C SER F 54 -8.12 -20.68 13.10
N LYS F 55 -7.99 -19.47 12.60
CA LYS F 55 -7.55 -19.27 11.23
C LYS F 55 -6.35 -18.36 11.14
N ASN F 56 -6.08 -17.52 12.08
CA ASN F 56 -5.13 -16.44 11.96
C ASN F 56 -4.22 -16.56 13.16
N ARG F 57 -2.93 -16.34 12.95
CA ARG F 57 -1.97 -16.24 14.03
C ARG F 57 -1.82 -14.78 14.43
N PRO F 58 -1.59 -14.49 15.71
CA PRO F 58 -1.50 -13.09 16.12
C PRO F 58 -0.26 -12.45 15.52
N SER F 59 -0.36 -11.15 15.26
CA SER F 59 0.79 -10.44 14.72
C SER F 59 1.93 -10.48 15.72
N GLY F 60 3.07 -10.99 15.27
CA GLY F 60 4.19 -11.24 16.13
C GLY F 60 4.47 -12.71 16.40
N VAL F 61 4.37 -13.57 15.39
CA VAL F 61 4.74 -14.97 15.51
C VAL F 61 5.19 -15.40 14.13
N PRO F 62 6.11 -16.35 14.00
CA PRO F 62 6.52 -16.81 12.66
C PRO F 62 5.33 -17.36 11.89
N ASP F 63 5.40 -17.23 10.58
CA ASP F 63 4.31 -17.62 9.69
C ASP F 63 4.16 -19.13 9.55
N ARG F 64 5.20 -19.90 9.87
CA ARG F 64 5.06 -21.36 9.84
C ARG F 64 3.84 -21.99 10.48
N PHE F 65 3.39 -21.45 11.61
CA PHE F 65 2.33 -22.08 12.41
C PHE F 65 1.21 -21.72 11.45
N SER F 66 0.53 -22.76 10.97
CA SER F 66 -0.65 -22.53 10.15
C SER F 66 -1.67 -23.22 11.04
N GLY F 67 -2.91 -22.71 10.98
CA GLY F 67 -4.04 -23.23 11.77
C GLY F 67 -5.17 -23.63 10.84
N SER F 68 -5.61 -24.90 10.91
CA SER F 68 -6.69 -25.39 10.02
C SER F 68 -7.91 -25.78 10.85
N ARG F 69 -9.09 -25.31 10.43
CA ARG F 69 -10.39 -25.60 11.09
C ARG F 69 -11.18 -26.55 10.18
N SER F 70 -10.48 -27.53 9.59
CA SER F 70 -11.11 -28.51 8.66
C SER F 70 -11.97 -29.52 9.43
N GLY F 71 -12.95 -30.13 8.75
CA GLY F 71 -13.84 -31.13 9.36
C GLY F 71 -14.47 -30.64 10.67
N ASN F 72 -14.57 -31.53 11.66
CA ASN F 72 -15.17 -31.16 12.97
C ASN F 72 -14.08 -30.96 14.02
N THR F 73 -12.81 -31.20 13.68
CA THR F 73 -11.72 -31.05 14.69
C THR F 73 -10.66 -30.06 14.20
N ALA F 74 -10.36 -29.04 15.02
CA ALA F 74 -9.33 -28.03 14.68
C ALA F 74 -7.96 -28.69 14.70
N THR F 75 -7.14 -28.48 13.67
CA THR F 75 -5.80 -29.11 13.62
C THR F 75 -4.73 -28.02 13.49
N LEU F 76 -3.69 -28.08 14.32
CA LEU F 76 -2.59 -27.09 14.27
C LEU F 76 -1.45 -27.70 13.43
N THR F 77 -1.03 -27.00 12.38
CA THR F 77 0.02 -27.55 11.46
C THR F 77 1.28 -26.70 11.50
N ILE F 78 2.37 -27.26 12.03
CA ILE F 78 3.68 -26.61 12.08
C ILE F 78 4.43 -27.06 10.84
N SER F 79 4.62 -26.14 9.89
CA SER F 79 5.21 -26.50 8.61
C SER F 79 6.66 -26.94 8.73
N SER F 80 7.37 -26.44 9.73
CA SER F 80 8.76 -26.86 9.96
C SER F 80 8.73 -26.73 11.47
N LEU F 81 9.55 -27.50 12.16
CA LEU F 81 9.60 -27.45 13.61
C LEU F 81 10.93 -26.73 13.79
N GLN F 82 11.18 -26.34 15.03
CA GLN F 82 12.51 -25.92 15.46
C GLN F 82 12.72 -26.48 16.86
N ALA F 83 13.91 -26.24 17.41
CA ALA F 83 14.19 -26.69 18.76
C ALA F 83 13.33 -25.97 19.80
N GLU F 84 13.07 -24.68 19.55
CA GLU F 84 12.25 -23.85 20.47
C GLU F 84 10.76 -24.15 20.22
N ASP F 85 10.47 -24.93 19.17
CA ASP F 85 9.08 -25.29 18.79
C ASP F 85 8.42 -26.12 19.91
N GLU F 86 9.18 -27.04 20.51
CA GLU F 86 8.61 -27.94 21.55
C GLU F 86 8.07 -27.13 22.74
N ALA F 87 6.85 -27.48 23.18
CA ALA F 87 6.10 -26.87 24.30
C ALA F 87 4.77 -27.63 24.46
N ASP F 88 3.91 -27.19 25.38
CA ASP F 88 2.59 -27.87 25.52
C ASP F 88 1.51 -27.03 24.84
N TYR F 89 1.12 -27.41 23.62
CA TYR F 89 0.11 -26.70 22.86
C TYR F 89 -1.26 -27.10 23.38
N PHE F 90 -2.26 -26.24 23.18
CA PHE F 90 -3.58 -26.48 23.73
C PHE F 90 -4.65 -26.04 22.76
N CYS F 91 -5.72 -26.85 22.71
CA CYS F 91 -6.89 -26.60 21.88
C CYS F 91 -8.03 -26.11 22.76
N ALA F 92 -8.66 -25.02 22.35
CA ALA F 92 -9.65 -24.39 23.21
C ALA F 92 -10.73 -23.74 22.37
N THR F 93 -11.98 -24.00 22.76
CA THR F 93 -13.13 -23.46 22.06
C THR F 93 -14.36 -23.62 22.95
N GLY F 94 -15.47 -23.07 22.47
CA GLY F 94 -16.71 -23.14 23.23
C GLY F 94 -17.61 -24.25 22.73
N ASP F 95 -18.43 -24.78 23.64
CA ASP F 95 -19.43 -25.84 23.33
C ASP F 95 -20.81 -25.17 23.22
N TYR F 96 -21.59 -25.52 22.20
CA TYR F 96 -22.94 -24.91 21.99
C TYR F 96 -23.91 -25.25 23.13
N SER F 97 -23.95 -26.51 23.57
CA SER F 97 -24.90 -26.91 24.63
C SER F 97 -24.15 -27.28 25.92
N SER F 98 -23.25 -26.39 26.36
CA SER F 98 -22.41 -26.59 27.56
C SER F 98 -21.71 -25.27 27.88
N SER F 99 -20.69 -25.34 28.76
CA SER F 99 -19.85 -24.19 29.18
C SER F 99 -18.69 -24.00 28.19
N THR F 100 -17.78 -23.06 28.49
CA THR F 100 -16.65 -22.79 27.55
C THR F 100 -15.90 -24.10 27.23
N SER F 101 -15.62 -24.93 28.24
CA SER F 101 -14.92 -26.23 28.03
C SER F 101 -13.60 -26.03 27.29
N VAL F 102 -12.83 -25.02 27.68
CA VAL F 102 -11.53 -24.70 27.03
C VAL F 102 -10.98 -25.92 27.76
N PHE F 103 -10.61 -26.99 27.03
CA PHE F 103 -10.12 -28.16 27.75
C PHE F 103 -9.27 -28.36 26.50
N GLY F 104 -7.94 -28.36 26.76
CA GLY F 104 -7.01 -28.93 25.81
C GLY F 104 -6.08 -29.77 26.66
N SER F 105 -6.07 -31.08 26.38
CA SER F 105 -5.25 -31.98 27.18
C SER F 105 -3.79 -31.59 27.12
N GLY F 106 -3.37 -30.95 26.05
CA GLY F 106 -1.99 -30.58 25.87
C GLY F 106 -1.20 -31.65 25.15
N THR F 107 -0.40 -31.20 24.18
CA THR F 107 0.37 -32.09 23.34
C THR F 107 1.86 -31.88 23.64
N THR F 108 2.44 -32.81 24.39
CA THR F 108 3.84 -32.71 24.82
C THR F 108 4.33 -32.83 23.39
N LEU F 109 5.28 -31.98 23.03
CA LEU F 109 5.81 -31.95 21.69
C LEU F 109 7.25 -32.39 22.01
N THR F 110 7.92 -32.90 20.99
CA THR F 110 9.31 -33.32 21.07
C THR F 110 10.00 -32.99 19.76
N VAL F 111 11.28 -32.63 19.83
CA VAL F 111 12.02 -32.36 18.60
C VAL F 111 12.53 -33.65 17.98
N LEU F 112 12.59 -34.73 18.76
CA LEU F 112 13.05 -36.03 18.28
C LEU F 112 14.36 -35.95 17.51
#